data_8ZHT
#
_entry.id   8ZHT
#
_cell.length_a   76.566
_cell.length_b   81.347
_cell.length_c   212.851
_cell.angle_alpha   90.000
_cell.angle_beta   90.000
_cell.angle_gamma   90.000
#
_symmetry.space_group_name_H-M   'P 2 21 21'
#
loop_
_entity.id
_entity.type
_entity.pdbx_description
1 polymer 'Peptidyl-prolyl cis-trans isomerase'
2 polymer 'Tetratricopeptide repeat protein'
3 non-polymer DI(HYDROXYETHYL)ETHER
4 water water
#
loop_
_entity_poly.entity_id
_entity_poly.type
_entity_poly.pdbx_seq_one_letter_code
_entity_poly.pdbx_strand_id
1 'polypeptide(L)'
;HDVGEVNGDALSAQEYQNLVEEYTEVIKLSRGVTALNDEQTNQVRDEVWRSYVNNKLVEKEAKALGLTVSAAEIQDILKA
GVHPLLQQTPFRNPQTGAFDKDMLNKFLVDYAKMNESQMPAQYAEQYNNMYKYWSFIQKTLVQSRLAEKYQALVAKALLS
NPVEAQDAFDARVNQYDLLMAAVPYSSIVDSTIVVKESELKDLYNKKKEQFKQYQESRDIKYIDVQVTASAEDRAAIQQE
VDEATAQLATTTDDYTSFIRSVGSEAPYVDLFYNKTAFPSDVVARLDSASVGSVYGPYYNGADNTINSFKVVAKTAAADS
IEFRQIQVFAEDALKTKALADSIYTAIKGGANFADLAKKYGQTGETNWMSSAQYEGAQIDGDNLKFISAINNTGVNEVVN
LPLGQANVILQVTNKKAVKDKYKVAVVKREVEFSKETYNRAYNDFSQFIAANPTAEKMIANAEEAGYKLLDRRDLYSSEH
TIGGVRGTKEALRWAFSAKPGDVSGLYECGESDHMVAVALVGVTPEGYRPLKAVQDQLRAEIVKDKKAEKIMADMKAANA
TSLDQYKAMSGAVSDSLKLVTFAAPAYVSALRSSEPLVGAYASVAEMNKLSAPIKGNAGVFVLQMYGKDKLSDTFNAKDE
EATLANMHARFASRLMNDLYLKGKVKDTRYLFF
;
A
2 'polypeptide(L)'
;PREEKAQAALFKGQEYFEQDAYEQALNGDSIGYVGFLKVADEYSGTKAANLAKAYAGICYAQLGKYDEAVKMLDGFNGGD
QMVAPAILGATGNCYAQLGQLDKAASTLLSAADKADNNSLSPIFLMQAGEILVKQGKYDDAVNAYTKIKDKYFQSYQAMD
IDKYIEQAKLMKK
;
B
#
loop_
_chem_comp.id
_chem_comp.type
_chem_comp.name
_chem_comp.formula
PEG non-polymer DI(HYDROXYETHYL)ETHER 'C4 H10 O3'
#
# COMPACT_ATOMS: atom_id res chain seq x y z
N HIS A 1 1.57 -28.57 -11.82
CA HIS A 1 0.63 -27.53 -11.40
C HIS A 1 1.36 -26.29 -10.85
N ASP A 2 1.20 -25.18 -11.58
CA ASP A 2 1.88 -23.92 -11.28
C ASP A 2 0.84 -22.84 -10.96
N VAL A 3 1.27 -21.86 -10.14
CA VAL A 3 0.35 -20.84 -9.63
C VAL A 3 0.24 -19.60 -10.50
N GLY A 4 1.04 -19.49 -11.56
CA GLY A 4 0.95 -18.33 -12.43
C GLY A 4 2.17 -18.24 -13.32
N GLU A 5 2.15 -17.21 -14.18
CA GLU A 5 3.28 -16.92 -15.06
C GLU A 5 3.45 -15.41 -15.23
N VAL A 6 4.66 -15.02 -15.58
CA VAL A 6 4.93 -13.67 -16.08
C VAL A 6 5.98 -13.79 -17.19
N ASN A 7 5.71 -13.17 -18.32
CA ASN A 7 6.62 -13.19 -19.47
C ASN A 7 6.87 -14.62 -19.96
N GLY A 8 5.87 -15.50 -19.83
CA GLY A 8 6.00 -16.86 -20.31
C GLY A 8 6.86 -17.76 -19.47
N ASP A 9 7.21 -17.35 -18.25
CA ASP A 9 7.95 -18.19 -17.29
C ASP A 9 7.06 -18.44 -16.09
N ALA A 10 6.88 -19.70 -15.75
CA ALA A 10 5.92 -20.08 -14.73
C ALA A 10 6.58 -20.21 -13.36
N LEU A 11 5.75 -20.08 -12.33
CA LEU A 11 6.14 -20.31 -10.95
C LEU A 11 5.36 -21.51 -10.44
N SER A 12 6.08 -22.57 -10.06
CA SER A 12 5.43 -23.79 -9.59
C SER A 12 4.92 -23.62 -8.17
N ALA A 13 3.87 -24.39 -7.84
CA ALA A 13 3.30 -24.32 -6.49
C ALA A 13 4.35 -24.63 -5.43
N GLN A 14 5.37 -25.41 -5.78
CA GLN A 14 6.44 -25.70 -4.83
C GLN A 14 7.21 -24.45 -4.46
N GLU A 15 7.75 -23.74 -5.47
CA GLU A 15 8.51 -22.53 -5.16
C GLU A 15 7.65 -21.51 -4.45
N TYR A 16 6.40 -21.33 -4.90
CA TYR A 16 5.52 -20.37 -4.25
C TYR A 16 5.32 -20.75 -2.79
N GLN A 17 5.14 -22.04 -2.50
CA GLN A 17 5.06 -22.48 -1.12
C GLN A 17 6.31 -22.04 -0.35
N ASN A 18 7.49 -22.25 -0.94
CA ASN A 18 8.74 -21.93 -0.25
C ASN A 18 8.87 -20.45 0.05
N LEU A 19 8.50 -19.59 -0.91
CA LEU A 19 8.61 -18.15 -0.67
C LEU A 19 7.60 -17.66 0.36
N VAL A 20 6.36 -18.19 0.34
CA VAL A 20 5.42 -17.75 1.38
C VAL A 20 5.85 -18.32 2.73
N GLU A 21 6.46 -19.51 2.74
CA GLU A 21 7.11 -20.01 3.94
C GLU A 21 8.15 -19.01 4.45
N GLU A 22 9.14 -18.71 3.60
CA GLU A 22 10.20 -17.76 3.90
C GLU A 22 9.65 -16.47 4.49
N TYR A 23 8.64 -15.90 3.83
CA TYR A 23 8.18 -14.58 4.22
C TYR A 23 7.43 -14.63 5.55
N THR A 24 6.79 -15.75 5.88
CA THR A 24 6.05 -15.85 7.14
C THR A 24 7.00 -15.88 8.33
N GLU A 25 8.04 -16.72 8.26
CA GLU A 25 9.08 -16.72 9.29
C GLU A 25 9.61 -15.32 9.54
N VAL A 26 9.87 -14.59 8.45
CA VAL A 26 10.40 -13.24 8.54
C VAL A 26 9.36 -12.28 9.13
N ILE A 27 8.08 -12.47 8.81
CA ILE A 27 7.04 -11.60 9.36
C ILE A 27 6.85 -11.88 10.86
N LYS A 28 6.94 -13.16 11.26
CA LYS A 28 6.79 -13.51 12.68
C LYS A 28 7.98 -13.01 13.49
N LEU A 29 9.19 -13.16 12.94
CA LEU A 29 10.42 -12.77 13.62
C LEU A 29 10.61 -11.25 13.63
N SER A 30 9.54 -10.48 13.39
CA SER A 30 9.69 -9.04 13.29
C SER A 30 8.43 -8.30 13.75
N ARG A 31 7.31 -8.99 13.82
CA ARG A 31 6.13 -8.45 14.47
C ARG A 31 5.92 -9.05 15.86
N GLY A 32 6.87 -9.87 16.31
CA GLY A 32 6.79 -10.48 17.62
C GLY A 32 6.11 -11.84 17.62
N VAL A 33 4.85 -11.87 17.16
CA VAL A 33 3.97 -13.03 17.28
C VAL A 33 4.60 -14.26 16.64
N THR A 34 4.04 -15.45 16.93
CA THR A 34 4.58 -16.70 16.44
C THR A 34 3.60 -17.45 15.54
N ALA A 35 2.47 -16.82 15.19
CA ALA A 35 1.53 -17.34 14.20
C ALA A 35 0.60 -16.20 13.79
N LEU A 36 0.15 -16.24 12.55
CA LEU A 36 -0.78 -15.25 12.03
C LEU A 36 -2.11 -15.89 11.71
N ASN A 37 -3.14 -15.05 11.66
CA ASN A 37 -4.48 -15.54 11.37
C ASN A 37 -4.67 -15.68 9.86
N ASP A 38 -5.90 -15.94 9.43
CA ASP A 38 -6.17 -16.30 8.04
C ASP A 38 -6.11 -15.09 7.11
N GLU A 39 -6.45 -13.91 7.61
CA GLU A 39 -6.43 -12.70 6.78
C GLU A 39 -5.03 -12.10 6.71
N GLN A 40 -4.26 -12.21 7.80
CA GLN A 40 -2.85 -11.84 7.78
C GLN A 40 -2.07 -12.75 6.84
N THR A 41 -2.33 -14.05 6.91
CA THR A 41 -1.67 -14.98 6.01
C THR A 41 -1.98 -14.65 4.56
N ASN A 42 -3.22 -14.26 4.27
CA ASN A 42 -3.57 -13.87 2.92
C ASN A 42 -2.80 -12.61 2.50
N GLN A 43 -2.63 -11.66 3.42
CA GLN A 43 -1.80 -10.49 3.13
C GLN A 43 -0.38 -10.91 2.75
N VAL A 44 0.16 -11.91 3.46
CA VAL A 44 1.49 -12.42 3.17
C VAL A 44 1.53 -13.12 1.80
N ARG A 45 0.49 -13.90 1.47
CA ARG A 45 0.48 -14.55 0.15
C ARG A 45 0.49 -13.53 -0.97
N ASP A 46 -0.25 -12.43 -0.78
CA ASP A 46 -0.37 -11.41 -1.83
C ASP A 46 0.91 -10.59 -1.96
N GLU A 47 1.58 -10.32 -0.84
CA GLU A 47 2.84 -9.60 -0.94
C GLU A 47 3.90 -10.43 -1.65
N VAL A 48 4.01 -11.72 -1.30
CA VAL A 48 4.97 -12.57 -1.97
C VAL A 48 4.71 -12.62 -3.47
N TRP A 49 3.43 -12.71 -3.86
CA TRP A 49 3.10 -12.78 -5.29
C TRP A 49 3.39 -11.46 -5.98
N ARG A 50 2.94 -10.35 -5.38
CA ARG A 50 3.24 -9.03 -5.91
C ARG A 50 4.74 -8.82 -6.06
N SER A 51 5.51 -9.16 -5.02
CA SER A 51 6.95 -8.96 -5.06
C SER A 51 7.60 -9.82 -6.14
N TYR A 52 7.21 -11.10 -6.23
CA TYR A 52 7.69 -11.97 -7.30
C TYR A 52 7.43 -11.36 -8.68
N VAL A 53 6.20 -10.88 -8.91
CA VAL A 53 5.83 -10.37 -10.24
C VAL A 53 6.65 -9.13 -10.58
N ASN A 54 6.74 -8.19 -9.64
CA ASN A 54 7.49 -6.97 -9.94
C ASN A 54 8.95 -7.29 -10.24
N ASN A 55 9.56 -8.20 -9.50
CA ASN A 55 10.97 -8.48 -9.76
C ASN A 55 11.16 -9.19 -11.08
N LYS A 56 10.26 -10.12 -11.44
CA LYS A 56 10.29 -10.75 -12.76
C LYS A 56 10.16 -9.72 -13.87
N LEU A 57 9.25 -8.75 -13.71
CA LEU A 57 9.09 -7.70 -14.71
C LEU A 57 10.37 -6.87 -14.86
N VAL A 58 10.99 -6.50 -13.74
CA VAL A 58 12.19 -5.68 -13.82
C VAL A 58 13.34 -6.49 -14.42
N GLU A 59 13.46 -7.77 -14.06
CA GLU A 59 14.59 -8.60 -14.50
C GLU A 59 14.63 -8.74 -16.01
N LYS A 60 13.48 -8.94 -16.65
CA LYS A 60 13.49 -9.07 -18.10
C LYS A 60 14.03 -7.81 -18.77
N GLU A 61 13.69 -6.63 -18.23
CA GLU A 61 14.21 -5.38 -18.77
C GLU A 61 15.67 -5.18 -18.41
N ALA A 62 16.03 -5.46 -17.16
CA ALA A 62 17.41 -5.28 -16.73
C ALA A 62 18.33 -6.19 -17.52
N LYS A 63 17.89 -7.42 -17.79
CA LYS A 63 18.68 -8.37 -18.57
C LYS A 63 18.93 -7.85 -19.98
N ALA A 64 17.93 -7.22 -20.59
CA ALA A 64 18.09 -6.70 -21.94
C ALA A 64 19.08 -5.53 -21.95
N LEU A 65 18.93 -4.60 -21.01
CA LEU A 65 19.79 -3.43 -20.92
C LEU A 65 21.19 -3.74 -20.37
N GLY A 66 21.35 -4.83 -19.66
CA GLY A 66 22.59 -5.00 -18.93
C GLY A 66 22.65 -4.30 -17.60
N LEU A 67 21.49 -4.01 -16.99
CA LEU A 67 21.47 -3.55 -15.61
C LEU A 67 21.64 -4.74 -14.68
N THR A 68 22.61 -4.64 -13.78
CA THR A 68 22.89 -5.71 -12.83
C THR A 68 23.34 -5.08 -11.51
N VAL A 69 23.27 -5.90 -10.46
CA VAL A 69 23.84 -5.56 -9.17
C VAL A 69 24.92 -6.59 -8.90
N SER A 70 26.18 -6.20 -9.11
CA SER A 70 27.28 -7.15 -9.03
C SER A 70 27.64 -7.44 -7.58
N ALA A 71 28.41 -8.53 -7.39
CA ALA A 71 28.88 -8.89 -6.07
C ALA A 71 29.71 -7.76 -5.44
N ALA A 72 30.48 -7.05 -6.27
CA ALA A 72 31.24 -5.91 -5.80
C ALA A 72 30.32 -4.83 -5.23
N GLU A 73 29.25 -4.49 -5.95
CA GLU A 73 28.32 -3.49 -5.45
C GLU A 73 27.68 -3.91 -4.13
N ILE A 74 27.34 -5.19 -4.00
CA ILE A 74 26.74 -5.68 -2.76
C ILE A 74 27.71 -5.51 -1.60
N GLN A 75 28.98 -5.91 -1.79
CA GLN A 75 30.00 -5.67 -0.79
C GLN A 75 30.10 -4.18 -0.44
N ASP A 76 30.09 -3.33 -1.47
CA ASP A 76 30.13 -1.89 -1.24
C ASP A 76 28.96 -1.43 -0.38
N ILE A 77 27.74 -1.85 -0.75
CA ILE A 77 26.55 -1.49 0.04
C ILE A 77 26.66 -2.03 1.46
N LEU A 78 27.19 -3.25 1.61
CA LEU A 78 27.28 -3.86 2.93
C LEU A 78 28.28 -3.11 3.82
N LYS A 79 29.47 -2.80 3.27
CA LYS A 79 30.47 -2.04 4.02
C LYS A 79 29.97 -0.66 4.41
N ALA A 80 29.08 -0.07 3.62
CA ALA A 80 28.60 1.28 3.93
C ALA A 80 27.68 1.27 5.14
N GLY A 81 26.73 0.34 5.18
CA GLY A 81 25.83 0.22 6.31
C GLY A 81 24.71 1.22 6.40
N VAL A 82 24.43 1.96 5.32
CA VAL A 82 23.43 3.03 5.38
C VAL A 82 22.16 2.71 4.60
N HIS A 83 22.11 1.59 3.89
CA HIS A 83 20.89 1.26 3.17
C HIS A 83 19.75 1.06 4.18
N PRO A 84 18.56 1.62 3.92
CA PRO A 84 17.44 1.45 4.86
C PRO A 84 17.21 0.00 5.27
N LEU A 85 17.48 -0.94 4.37
CA LEU A 85 17.25 -2.36 4.61
C LEU A 85 18.28 -2.98 5.55
N LEU A 86 19.37 -2.28 5.85
CA LEU A 86 20.39 -2.78 6.79
C LEU A 86 20.31 -2.09 8.15
N GLN A 87 19.18 -1.50 8.51
CA GLN A 87 19.05 -0.74 9.75
C GLN A 87 18.44 -1.59 10.87
N GLN A 88 17.26 -2.15 10.65
CA GLN A 88 16.60 -2.99 11.65
C GLN A 88 16.98 -4.45 11.44
N THR A 89 18.30 -4.70 11.46
CA THR A 89 18.98 -5.96 11.21
C THR A 89 19.43 -6.62 12.51
N PRO A 90 19.54 -7.95 12.53
CA PRO A 90 20.18 -8.61 13.68
C PRO A 90 21.65 -8.25 13.86
N PHE A 91 22.46 -8.38 12.80
CA PHE A 91 23.88 -8.06 12.91
C PHE A 91 24.11 -6.60 13.25
N ARG A 92 24.40 -6.31 14.53
CA ARG A 92 24.71 -4.97 14.97
C ARG A 92 25.92 -5.02 15.90
N ASN A 93 26.72 -3.97 15.86
CA ASN A 93 27.83 -3.86 16.80
C ASN A 93 27.28 -3.76 18.22
N PRO A 94 27.88 -4.47 19.19
CA PRO A 94 27.29 -4.51 20.55
C PRO A 94 27.11 -3.14 21.19
N GLN A 95 27.99 -2.19 20.90
CA GLN A 95 27.94 -0.86 21.51
C GLN A 95 27.23 0.16 20.62
N THR A 96 27.56 0.19 19.33
CA THR A 96 26.97 1.19 18.43
C THR A 96 25.52 0.86 18.11
N GLY A 97 25.17 -0.43 18.05
CA GLY A 97 23.85 -0.85 17.62
C GLY A 97 23.61 -0.78 16.14
N ALA A 98 24.59 -0.29 15.37
CA ALA A 98 24.47 -0.14 13.92
C ALA A 98 25.02 -1.38 13.21
N PHE A 99 24.73 -1.46 11.90
CA PHE A 99 25.09 -2.64 11.13
C PHE A 99 26.60 -2.84 11.09
N ASP A 100 27.07 -4.00 11.56
CA ASP A 100 28.47 -4.37 11.46
C ASP A 100 28.62 -5.51 10.45
N LYS A 101 29.31 -5.21 9.34
CA LYS A 101 29.54 -6.21 8.30
C LYS A 101 30.46 -7.32 8.77
N ASP A 102 31.30 -7.07 9.79
CA ASP A 102 32.37 -8.01 10.11
C ASP A 102 31.84 -9.24 10.85
N MET A 103 30.98 -9.04 11.85
CA MET A 103 30.37 -10.20 12.51
C MET A 103 29.54 -11.00 11.53
N LEU A 104 29.01 -10.33 10.50
CA LEU A 104 28.23 -11.04 9.49
C LEU A 104 29.07 -12.10 8.78
N ASN A 105 30.34 -11.80 8.53
CA ASN A 105 31.23 -12.81 7.96
C ASN A 105 31.23 -14.04 8.86
N LYS A 106 30.46 -15.05 8.46
CA LYS A 106 30.18 -16.23 9.26
C LYS A 106 30.61 -17.49 8.52
N PHE A 107 31.04 -18.45 9.31
CA PHE A 107 31.78 -19.63 8.87
C PHE A 107 30.88 -20.67 8.22
N LEU A 108 31.51 -21.48 7.36
CA LEU A 108 30.84 -22.60 6.70
C LEU A 108 31.19 -23.92 7.38
N VAL A 109 31.05 -23.92 8.71
CA VAL A 109 31.40 -25.12 9.47
C VAL A 109 30.29 -25.50 10.44
N ASP A 110 29.13 -25.84 9.90
CA ASP A 110 28.00 -26.23 10.73
C ASP A 110 26.79 -26.32 9.83
N ALA A 121 27.89 -36.18 14.04
CA ALA A 121 27.42 -35.38 15.17
C ALA A 121 28.13 -34.04 15.24
N GLN A 122 28.70 -33.62 14.11
CA GLN A 122 29.46 -32.37 13.98
C GLN A 122 28.56 -31.13 13.95
N TYR A 123 27.29 -31.26 14.35
CA TYR A 123 26.32 -30.18 14.17
C TYR A 123 26.28 -29.22 15.36
N ALA A 124 26.07 -29.75 16.58
CA ALA A 124 25.71 -28.98 17.78
C ALA A 124 24.29 -28.44 17.65
N GLU A 125 24.14 -27.13 17.45
CA GLU A 125 22.81 -26.50 17.45
C GLU A 125 22.52 -25.88 16.09
N GLN A 126 21.22 -25.67 15.83
CA GLN A 126 20.71 -25.33 14.50
C GLN A 126 19.93 -24.02 14.49
N TYR A 127 20.35 -23.06 15.29
CA TYR A 127 19.90 -21.67 15.11
C TYR A 127 20.68 -20.95 14.02
N ASN A 128 21.59 -21.67 13.33
CA ASN A 128 22.25 -21.22 12.12
C ASN A 128 21.45 -21.51 10.85
N ASN A 129 20.12 -21.71 11.00
CA ASN A 129 19.19 -21.44 9.90
C ASN A 129 19.00 -19.93 9.72
N MET A 130 19.71 -19.14 10.53
CA MET A 130 19.87 -17.70 10.33
C MET A 130 20.42 -17.37 8.95
N TYR A 131 21.22 -18.28 8.37
CA TYR A 131 21.69 -18.09 7.01
C TYR A 131 20.54 -17.92 6.03
N LYS A 132 19.41 -18.60 6.26
CA LYS A 132 18.26 -18.41 5.40
C LYS A 132 17.62 -17.05 5.62
N TYR A 133 17.62 -16.54 6.86
CA TYR A 133 17.09 -15.21 7.12
C TYR A 133 17.91 -14.14 6.42
N TRP A 134 19.23 -14.12 6.65
CA TRP A 134 20.05 -13.14 5.97
C TRP A 134 19.99 -13.31 4.47
N SER A 135 19.92 -14.55 3.99
CA SER A 135 19.83 -14.76 2.55
C SER A 135 18.60 -14.06 1.98
N PHE A 136 17.54 -13.93 2.78
CA PHE A 136 16.36 -13.19 2.36
C PHE A 136 16.59 -11.70 2.34
N ILE A 137 17.18 -11.17 3.42
CA ILE A 137 17.51 -9.74 3.45
C ILE A 137 18.39 -9.37 2.26
N GLN A 138 19.34 -10.23 1.90
CA GLN A 138 20.26 -9.87 0.85
C GLN A 138 19.60 -9.94 -0.53
N LYS A 139 18.74 -10.93 -0.77
CA LYS A 139 18.05 -10.95 -2.06
C LYS A 139 17.11 -9.75 -2.19
N THR A 140 16.46 -9.35 -1.10
CA THR A 140 15.63 -8.14 -1.14
C THR A 140 16.49 -6.93 -1.46
N LEU A 141 17.70 -6.87 -0.89
CA LEU A 141 18.62 -5.79 -1.20
C LEU A 141 18.88 -5.70 -2.70
N VAL A 142 19.29 -6.81 -3.32
CA VAL A 142 19.69 -6.71 -4.72
C VAL A 142 18.48 -6.50 -5.61
N GLN A 143 17.32 -7.08 -5.28
CA GLN A 143 16.14 -6.83 -6.10
C GLN A 143 15.76 -5.36 -6.05
N SER A 144 15.83 -4.77 -4.86
CA SER A 144 15.44 -3.38 -4.69
C SER A 144 16.45 -2.43 -5.32
N ARG A 145 17.74 -2.74 -5.21
CA ARG A 145 18.75 -1.95 -5.90
C ARG A 145 18.59 -2.05 -7.41
N LEU A 146 18.23 -3.23 -7.92
CA LEU A 146 18.04 -3.36 -9.37
C LEU A 146 16.87 -2.50 -9.84
N ALA A 147 15.71 -2.61 -9.17
CA ALA A 147 14.56 -1.80 -9.54
C ALA A 147 14.90 -0.32 -9.48
N GLU A 148 15.63 0.08 -8.45
CA GLU A 148 15.97 1.48 -8.25
C GLU A 148 16.93 1.99 -9.34
N LYS A 149 17.90 1.17 -9.75
CA LYS A 149 18.76 1.55 -10.87
C LYS A 149 17.93 1.77 -12.13
N TYR A 150 17.02 0.85 -12.40
CA TYR A 150 16.22 0.92 -13.61
C TYR A 150 15.32 2.15 -13.61
N GLN A 151 14.58 2.36 -12.51
CA GLN A 151 13.69 3.50 -12.41
C GLN A 151 14.44 4.81 -12.56
N ALA A 152 15.66 4.90 -12.01
CA ALA A 152 16.35 6.19 -12.02
C ALA A 152 16.87 6.53 -13.40
N LEU A 153 17.19 5.51 -14.19
CA LEU A 153 17.68 5.79 -15.53
C LEU A 153 16.56 6.35 -16.39
N VAL A 154 15.37 5.74 -16.31
CA VAL A 154 14.21 6.26 -17.02
C VAL A 154 13.91 7.69 -16.57
N ALA A 155 13.79 7.89 -15.25
CA ALA A 155 13.34 9.17 -14.70
C ALA A 155 14.27 10.32 -15.07
N LYS A 156 15.57 10.10 -14.93
CA LYS A 156 16.53 11.19 -15.14
C LYS A 156 16.71 11.53 -16.61
N ALA A 157 16.34 10.63 -17.52
CA ALA A 157 16.33 10.91 -18.94
C ALA A 157 15.14 11.75 -19.37
N LEU A 158 14.20 12.09 -18.47
CA LEU A 158 12.99 12.81 -18.86
C LEU A 158 13.22 14.31 -18.70
N LEU A 159 14.05 14.83 -19.58
CA LEU A 159 14.48 16.22 -19.52
C LEU A 159 13.34 17.17 -19.89
N SER A 160 13.54 18.42 -19.52
CA SER A 160 12.70 19.49 -20.02
C SER A 160 13.43 20.24 -21.13
N ASN A 161 12.88 21.38 -21.55
CA ASN A 161 13.49 22.17 -22.61
C ASN A 161 12.97 23.60 -22.47
N PRO A 162 13.54 24.56 -23.22
CA PRO A 162 13.19 25.97 -22.96
C PRO A 162 11.79 26.36 -23.42
N VAL A 163 11.25 25.72 -24.46
CA VAL A 163 9.87 25.99 -24.86
C VAL A 163 8.90 25.55 -23.77
N GLU A 164 9.08 24.34 -23.24
CA GLU A 164 8.18 23.88 -22.20
C GLU A 164 8.35 24.70 -20.91
N ALA A 165 9.56 25.21 -20.66
CA ALA A 165 9.80 26.03 -19.47
C ALA A 165 9.14 27.39 -19.60
N GLN A 166 9.27 28.03 -20.77
CA GLN A 166 8.62 29.31 -20.99
C GLN A 166 7.11 29.18 -20.93
N ASP A 167 6.56 28.14 -21.56
CA ASP A 167 5.12 27.91 -21.52
C ASP A 167 4.61 27.74 -20.09
N ALA A 168 5.30 26.94 -19.27
CA ALA A 168 4.84 26.71 -17.90
C ALA A 168 4.86 27.99 -17.08
N PHE A 169 5.88 28.82 -17.31
CA PHE A 169 5.96 30.12 -16.65
C PHE A 169 4.85 31.06 -17.13
N ASP A 170 4.65 31.14 -18.44
CA ASP A 170 3.57 31.98 -18.99
C ASP A 170 2.22 31.55 -18.44
N ALA A 171 1.96 30.23 -18.39
CA ALA A 171 0.67 29.74 -17.94
C ALA A 171 0.40 30.07 -16.49
N ARG A 172 1.44 30.33 -15.71
CA ARG A 172 1.28 30.60 -14.29
C ARG A 172 1.16 32.10 -14.00
N VAL A 173 1.94 32.95 -14.68
CA VAL A 173 2.03 34.37 -14.31
C VAL A 173 1.08 35.28 -15.08
N ASN A 174 0.52 34.83 -16.21
CA ASN A 174 -0.44 35.66 -16.91
C ASN A 174 -1.84 35.43 -16.34
N GLN A 175 -2.47 36.51 -15.90
CA GLN A 175 -3.75 36.47 -15.22
C GLN A 175 -4.75 37.34 -15.99
N TYR A 176 -5.98 36.87 -16.07
CA TYR A 176 -6.97 37.51 -16.92
C TYR A 176 -8.27 37.69 -16.15
N ASP A 177 -9.04 38.69 -16.53
CA ASP A 177 -10.34 38.91 -15.90
C ASP A 177 -11.41 39.01 -16.98
N LEU A 178 -12.49 38.27 -16.81
CA LEU A 178 -13.43 38.04 -17.90
C LEU A 178 -14.84 37.97 -17.34
N LEU A 179 -15.79 38.53 -18.08
CA LEU A 179 -17.20 38.31 -17.84
C LEU A 179 -17.63 37.05 -18.58
N MET A 180 -18.63 36.38 -18.02
CA MET A 180 -19.13 35.14 -18.58
C MET A 180 -20.64 35.15 -18.63
N ALA A 181 -21.19 34.59 -19.71
CA ALA A 181 -22.60 34.22 -19.75
C ALA A 181 -22.66 32.75 -20.11
N ALA A 182 -23.53 31.99 -19.44
CA ALA A 182 -23.57 30.55 -19.69
C ALA A 182 -24.98 30.04 -19.56
N VAL A 183 -25.28 28.98 -20.30
CA VAL A 183 -26.49 28.19 -20.11
C VAL A 183 -26.07 26.82 -19.58
N PRO A 184 -26.50 26.43 -18.40
CA PRO A 184 -26.07 25.15 -17.84
C PRO A 184 -26.79 23.97 -18.50
N TYR A 185 -26.13 22.81 -18.49
CA TYR A 185 -26.73 21.61 -19.09
C TYR A 185 -28.00 21.17 -18.35
N SER A 186 -28.06 21.48 -17.05
CA SER A 186 -29.23 21.14 -16.26
C SER A 186 -30.51 21.84 -16.74
N SER A 187 -30.40 22.88 -17.55
CA SER A 187 -31.60 23.56 -18.03
C SER A 187 -32.37 22.75 -19.07
N ILE A 188 -31.81 21.64 -19.54
CA ILE A 188 -32.46 20.80 -20.54
C ILE A 188 -32.80 19.48 -19.88
N VAL A 189 -34.08 19.11 -19.94
CA VAL A 189 -34.57 17.91 -19.26
C VAL A 189 -34.08 16.69 -20.03
N ASP A 190 -33.55 15.70 -19.29
CA ASP A 190 -32.92 14.55 -19.93
C ASP A 190 -33.87 13.86 -20.90
N SER A 191 -35.11 13.63 -20.47
CA SER A 191 -36.05 12.87 -21.29
C SER A 191 -36.38 13.53 -22.64
N THR A 192 -35.98 14.78 -22.88
CA THR A 192 -36.17 15.38 -24.20
C THR A 192 -35.06 15.05 -25.19
N ILE A 193 -34.00 14.37 -24.76
CA ILE A 193 -32.90 14.00 -25.67
C ILE A 193 -33.01 12.51 -25.98
N VAL A 194 -33.06 12.18 -27.27
CA VAL A 194 -33.22 10.80 -27.72
C VAL A 194 -31.85 10.23 -28.07
N VAL A 195 -31.48 9.15 -27.40
CA VAL A 195 -30.21 8.46 -27.60
C VAL A 195 -30.55 7.12 -28.26
N LYS A 196 -30.37 7.03 -29.57
CA LYS A 196 -30.63 5.81 -30.31
C LYS A 196 -29.57 4.75 -30.00
N GLU A 197 -30.00 3.48 -30.03
CA GLU A 197 -29.05 2.38 -29.83
C GLU A 197 -27.96 2.37 -30.91
N SER A 198 -28.29 2.83 -32.12
CA SER A 198 -27.25 2.92 -33.15
C SER A 198 -26.17 3.95 -32.79
N GLU A 199 -26.49 4.95 -31.97
CA GLU A 199 -25.48 5.93 -31.58
C GLU A 199 -24.59 5.39 -30.47
N LEU A 200 -25.17 4.64 -29.53
CA LEU A 200 -24.36 4.01 -28.50
C LEU A 200 -23.40 3.00 -29.11
N LYS A 201 -23.88 2.24 -30.09
CA LYS A 201 -23.03 1.26 -30.73
C LYS A 201 -21.89 1.95 -31.51
N ASP A 202 -22.22 3.03 -32.22
CA ASP A 202 -21.21 3.79 -32.97
C ASP A 202 -20.14 4.36 -32.05
N LEU A 203 -20.56 5.01 -30.96
CA LEU A 203 -19.58 5.57 -30.04
C LEU A 203 -18.73 4.47 -29.41
N TYR A 204 -19.36 3.34 -29.07
CA TYR A 204 -18.63 2.20 -28.50
C TYR A 204 -17.54 1.73 -29.46
N ASN A 205 -17.88 1.51 -30.74
CA ASN A 205 -16.88 1.03 -31.68
C ASN A 205 -15.78 2.07 -31.89
N LYS A 206 -16.16 3.35 -31.90
CA LYS A 206 -15.17 4.42 -32.03
C LYS A 206 -14.19 4.44 -30.87
N LYS A 207 -14.68 4.17 -29.65
CA LYS A 207 -13.85 4.26 -28.44
C LYS A 207 -13.48 2.89 -27.88
N LYS A 208 -13.54 1.84 -28.70
CA LYS A 208 -13.52 0.48 -28.18
C LYS A 208 -12.25 0.17 -27.38
N GLU A 209 -11.11 0.72 -27.80
CA GLU A 209 -9.86 0.42 -27.08
C GLU A 209 -9.87 0.96 -25.66
N GLN A 210 -10.80 1.82 -25.31
CA GLN A 210 -10.94 2.30 -23.94
C GLN A 210 -11.69 1.34 -23.03
N PHE A 211 -12.25 0.27 -23.57
CA PHE A 211 -13.14 -0.60 -22.80
C PHE A 211 -12.59 -2.01 -22.69
N LYS A 212 -11.29 -2.10 -22.45
CA LYS A 212 -10.65 -3.40 -22.28
C LYS A 212 -10.98 -3.97 -20.92
N GLN A 213 -11.15 -5.29 -20.88
CA GLN A 213 -11.28 -6.05 -19.64
C GLN A 213 -9.99 -6.85 -19.51
N TYR A 214 -9.11 -6.45 -18.58
CA TYR A 214 -7.77 -7.03 -18.53
C TYR A 214 -7.75 -8.40 -17.87
N GLN A 215 -8.60 -8.60 -16.87
CA GLN A 215 -8.74 -9.85 -16.16
C GLN A 215 -10.21 -10.23 -16.19
N GLU A 216 -10.49 -11.52 -16.31
CA GLU A 216 -11.88 -11.97 -16.24
C GLU A 216 -12.49 -11.60 -14.90
N SER A 217 -13.73 -11.14 -14.93
CA SER A 217 -14.50 -10.91 -13.72
C SER A 217 -15.85 -11.58 -13.86
N ARG A 218 -16.51 -11.82 -12.72
CA ARG A 218 -17.82 -12.44 -12.72
C ARG A 218 -18.75 -11.65 -11.80
N ASP A 219 -20.06 -11.83 -12.04
CA ASP A 219 -21.11 -11.23 -11.24
C ASP A 219 -21.85 -12.35 -10.50
N ILE A 220 -22.06 -12.14 -9.20
CA ILE A 220 -22.66 -13.16 -8.36
C ILE A 220 -23.72 -12.51 -7.46
N LYS A 221 -24.59 -13.36 -6.95
CA LYS A 221 -25.37 -13.04 -5.77
C LYS A 221 -25.08 -14.12 -4.75
N TYR A 222 -25.16 -13.78 -3.48
CA TYR A 222 -24.86 -14.77 -2.45
C TYR A 222 -25.69 -14.48 -1.22
N ILE A 223 -25.89 -15.52 -0.43
CA ILE A 223 -26.55 -15.43 0.86
C ILE A 223 -25.52 -15.78 1.91
N ASP A 224 -25.45 -14.96 2.97
CA ASP A 224 -24.50 -15.15 4.06
C ASP A 224 -25.32 -15.21 5.34
N VAL A 225 -25.49 -16.41 5.89
CA VAL A 225 -26.22 -16.64 7.14
C VAL A 225 -25.21 -16.69 8.28
N GLN A 226 -25.51 -16.00 9.37
CA GLN A 226 -24.74 -16.12 10.59
C GLN A 226 -25.61 -16.73 11.67
N VAL A 227 -25.13 -17.77 12.30
CA VAL A 227 -25.87 -18.42 13.38
C VAL A 227 -25.53 -17.68 14.66
N THR A 228 -26.55 -17.25 15.39
CA THR A 228 -26.34 -16.61 16.69
C THR A 228 -27.20 -17.33 17.71
N ALA A 229 -26.78 -17.22 18.98
CA ALA A 229 -27.47 -17.89 20.07
C ALA A 229 -28.95 -17.53 20.10
N SER A 230 -29.78 -18.55 20.33
CA SER A 230 -31.20 -18.36 20.57
C SER A 230 -31.44 -17.88 22.01
N ALA A 231 -32.72 -17.72 22.36
CA ALA A 231 -33.09 -17.37 23.72
C ALA A 231 -32.80 -18.50 24.69
N GLU A 232 -33.20 -19.73 24.33
CA GLU A 232 -32.91 -20.89 25.18
C GLU A 232 -31.41 -21.12 25.31
N ASP A 233 -30.62 -20.78 24.28
CA ASP A 233 -29.17 -20.88 24.42
C ASP A 233 -28.66 -19.86 25.44
N ARG A 234 -29.08 -18.61 25.30
CA ARG A 234 -28.61 -17.56 26.20
C ARG A 234 -29.07 -17.81 27.64
N ALA A 235 -30.32 -18.25 27.83
CA ALA A 235 -30.81 -18.57 29.17
C ALA A 235 -30.03 -19.69 29.82
N ALA A 236 -29.55 -20.67 29.05
CA ALA A 236 -28.77 -21.74 29.67
C ALA A 236 -27.40 -21.24 30.13
N ILE A 237 -26.82 -20.29 29.42
CA ILE A 237 -25.54 -19.72 29.85
C ILE A 237 -25.73 -18.66 30.94
N GLN A 238 -26.84 -17.92 30.92
CA GLN A 238 -27.16 -17.05 32.04
C GLN A 238 -27.28 -17.85 33.34
N GLN A 239 -27.90 -19.02 33.26
CA GLN A 239 -28.03 -19.91 34.41
C GLN A 239 -26.67 -20.37 34.92
N GLU A 240 -25.75 -20.74 34.03
CA GLU A 240 -24.44 -21.20 34.46
C GLU A 240 -23.63 -20.08 35.12
N VAL A 241 -23.77 -18.84 34.62
CA VAL A 241 -23.06 -17.73 35.24
C VAL A 241 -23.69 -17.35 36.58
N ASP A 242 -25.02 -17.52 36.69
CA ASP A 242 -25.71 -17.29 37.96
C ASP A 242 -25.21 -18.24 39.03
N GLU A 243 -25.10 -19.53 38.69
CA GLU A 243 -24.56 -20.51 39.62
C GLU A 243 -23.11 -20.19 39.96
N ALA A 244 -22.30 -19.80 38.96
CA ALA A 244 -20.90 -19.51 39.24
C ALA A 244 -20.74 -18.23 40.06
N THR A 245 -21.67 -17.28 39.91
CA THR A 245 -21.60 -16.04 40.66
C THR A 245 -21.92 -16.30 42.13
N ALA A 246 -22.89 -17.17 42.40
CA ALA A 246 -23.22 -17.52 43.79
C ALA A 246 -22.06 -18.22 44.47
N GLN A 247 -21.37 -19.12 43.76
CA GLN A 247 -20.21 -19.78 44.33
C GLN A 247 -19.05 -18.81 44.51
N LEU A 248 -18.88 -17.86 43.59
CA LEU A 248 -17.81 -16.88 43.71
C LEU A 248 -18.02 -16.00 44.94
N ALA A 249 -19.28 -15.69 45.26
CA ALA A 249 -19.58 -14.93 46.48
C ALA A 249 -19.12 -15.65 47.74
N THR A 250 -19.31 -16.95 47.82
CA THR A 250 -18.96 -17.73 49.00
C THR A 250 -17.53 -18.27 48.97
N THR A 251 -16.78 -18.03 47.90
CA THR A 251 -15.38 -18.40 47.82
C THR A 251 -14.53 -17.38 48.59
N THR A 252 -13.52 -17.86 49.32
CA THR A 252 -12.64 -16.97 50.07
C THR A 252 -11.16 -17.15 49.76
N ASP A 253 -10.76 -18.24 49.11
CA ASP A 253 -9.37 -18.43 48.72
C ASP A 253 -9.31 -19.38 47.53
N ASP A 254 -8.11 -19.64 47.08
CA ASP A 254 -7.87 -20.51 45.93
C ASP A 254 -8.73 -20.08 44.74
N TYR A 255 -8.60 -18.82 44.38
CA TYR A 255 -9.40 -18.29 43.28
C TYR A 255 -8.91 -18.83 41.94
N THR A 256 -7.61 -19.08 41.79
CA THR A 256 -7.09 -19.62 40.54
C THR A 256 -7.82 -20.90 40.17
N SER A 257 -7.95 -21.81 41.13
CA SER A 257 -8.58 -23.10 40.86
C SER A 257 -10.09 -22.96 40.70
N PHE A 258 -10.74 -22.08 41.48
CA PHE A 258 -12.17 -21.90 41.32
C PHE A 258 -12.53 -21.29 39.96
N ILE A 259 -11.77 -20.27 39.53
CA ILE A 259 -12.06 -19.60 38.26
C ILE A 259 -11.81 -20.55 37.08
N ARG A 260 -10.77 -21.38 37.16
CA ARG A 260 -10.62 -22.41 36.13
C ARG A 260 -11.77 -23.39 36.14
N SER A 261 -12.26 -23.76 37.34
CA SER A 261 -13.25 -24.80 37.48
C SER A 261 -14.62 -24.42 36.90
N VAL A 262 -14.89 -23.15 36.69
CA VAL A 262 -16.12 -22.76 36.01
C VAL A 262 -15.82 -22.31 34.57
N GLY A 263 -14.63 -22.63 34.07
CA GLY A 263 -14.32 -22.43 32.65
C GLY A 263 -14.38 -21.00 32.19
N SER A 264 -13.93 -20.07 33.03
CA SER A 264 -13.94 -18.66 32.66
C SER A 264 -13.00 -18.42 31.50
N GLU A 265 -13.39 -17.49 30.60
CA GLU A 265 -12.50 -16.99 29.56
C GLU A 265 -11.39 -16.10 30.10
N ALA A 266 -11.45 -15.72 31.38
CA ALA A 266 -10.47 -14.82 31.98
C ALA A 266 -9.79 -15.52 33.16
N PRO A 267 -8.62 -16.14 32.97
CA PRO A 267 -7.96 -16.82 34.09
C PRO A 267 -7.42 -15.87 35.16
N TYR A 268 -7.39 -16.37 36.39
CA TYR A 268 -6.95 -15.61 37.56
C TYR A 268 -5.52 -15.96 37.93
N VAL A 269 -4.70 -14.92 38.17
CA VAL A 269 -3.38 -15.08 38.79
C VAL A 269 -3.39 -14.34 40.13
N ASP A 270 -2.87 -15.00 41.17
CA ASP A 270 -2.78 -14.43 42.52
C ASP A 270 -1.70 -13.36 42.61
N LEU A 271 -1.84 -12.29 41.83
CA LEU A 271 -0.89 -11.18 41.86
C LEU A 271 -1.67 -9.89 41.68
N PHE A 272 -1.04 -8.78 42.07
CA PHE A 272 -1.60 -7.46 41.84
C PHE A 272 -1.21 -6.94 40.46
N TYR A 273 -2.18 -6.39 39.73
CA TYR A 273 -1.93 -5.81 38.44
C TYR A 273 -2.55 -4.42 38.35
N ASN A 274 -2.03 -3.62 37.44
CA ASN A 274 -2.66 -2.36 37.11
C ASN A 274 -4.06 -2.59 36.54
N LYS A 275 -4.85 -1.52 36.59
CA LYS A 275 -6.23 -1.56 36.08
C LYS A 275 -6.28 -2.11 34.66
N THR A 276 -5.28 -1.77 33.86
CA THR A 276 -5.26 -2.10 32.43
C THR A 276 -5.18 -3.59 32.16
N ALA A 277 -4.74 -4.39 33.12
CA ALA A 277 -4.55 -5.83 32.88
C ALA A 277 -5.85 -6.61 32.83
N PHE A 278 -6.98 -5.99 33.13
CA PHE A 278 -8.23 -6.72 33.21
C PHE A 278 -9.13 -6.42 32.00
N PRO A 279 -10.11 -7.30 31.71
CA PRO A 279 -11.00 -7.05 30.57
C PRO A 279 -11.59 -5.64 30.63
N SER A 280 -11.69 -4.99 29.46
CA SER A 280 -12.10 -3.59 29.43
C SER A 280 -13.49 -3.39 30.04
N ASP A 281 -14.39 -4.38 29.90
CA ASP A 281 -15.70 -4.24 30.56
C ASP A 281 -15.56 -4.32 32.07
N VAL A 282 -14.56 -5.04 32.58
CA VAL A 282 -14.31 -5.07 34.01
C VAL A 282 -13.71 -3.74 34.47
N VAL A 283 -12.73 -3.24 33.72
CA VAL A 283 -12.12 -1.94 34.02
C VAL A 283 -13.19 -0.87 34.14
N ALA A 284 -14.16 -0.86 33.20
CA ALA A 284 -15.19 0.16 33.20
C ALA A 284 -16.04 0.11 34.48
N ARG A 285 -16.02 -0.99 35.20
CA ARG A 285 -16.87 -1.12 36.36
C ARG A 285 -16.13 -1.09 37.67
N LEU A 286 -14.78 -1.02 37.65
CA LEU A 286 -14.01 -1.23 38.88
C LEU A 286 -14.30 -0.15 39.92
N ASP A 287 -14.46 1.10 39.50
CA ASP A 287 -14.70 2.18 40.46
C ASP A 287 -16.00 2.01 41.23
N SER A 288 -17.00 1.37 40.62
CA SER A 288 -18.27 1.11 41.26
C SER A 288 -18.30 -0.20 42.04
N ALA A 289 -17.19 -0.94 42.04
CA ALA A 289 -17.11 -2.23 42.71
C ALA A 289 -16.48 -2.09 44.08
N SER A 290 -16.94 -2.89 45.04
CA SER A 290 -16.40 -2.89 46.38
C SER A 290 -15.62 -4.17 46.61
N VAL A 291 -14.50 -4.05 47.34
CA VAL A 291 -13.66 -5.21 47.65
C VAL A 291 -14.46 -6.27 48.40
N GLY A 292 -14.45 -7.50 47.87
CA GLY A 292 -15.10 -8.63 48.51
C GLY A 292 -16.54 -8.90 48.08
N SER A 293 -17.14 -8.04 47.25
CA SER A 293 -18.52 -8.17 46.79
C SER A 293 -18.56 -8.51 45.30
N VAL A 294 -19.32 -9.54 44.93
CA VAL A 294 -19.42 -9.88 43.51
C VAL A 294 -20.22 -8.80 42.80
N TYR A 295 -19.65 -8.26 41.71
CA TYR A 295 -20.38 -7.35 40.84
C TYR A 295 -21.16 -8.22 39.88
N GLY A 296 -22.48 -8.30 40.12
CA GLY A 296 -23.34 -9.38 39.67
C GLY A 296 -23.42 -9.50 38.18
N PRO A 297 -24.09 -10.55 37.68
CA PRO A 297 -24.02 -10.86 36.24
C PRO A 297 -24.41 -9.68 35.37
N TYR A 298 -23.63 -9.48 34.32
CA TYR A 298 -23.95 -8.45 33.34
C TYR A 298 -23.54 -8.93 31.95
N TYR A 299 -24.23 -8.41 30.95
CA TYR A 299 -23.98 -8.78 29.58
C TYR A 299 -23.11 -7.73 28.91
N ASN A 300 -22.12 -8.18 28.17
CA ASN A 300 -21.21 -7.27 27.48
C ASN A 300 -21.33 -7.51 25.98
N GLY A 301 -21.80 -6.48 25.25
CA GLY A 301 -22.11 -6.67 23.84
C GLY A 301 -20.87 -6.87 22.97
N ALA A 302 -19.78 -6.15 23.28
CA ALA A 302 -18.63 -6.10 22.40
C ALA A 302 -17.90 -7.44 22.26
N ASP A 303 -18.07 -8.37 23.19
CA ASP A 303 -17.51 -9.70 23.00
C ASP A 303 -18.54 -10.80 23.25
N ASN A 304 -19.83 -10.44 23.30
CA ASN A 304 -20.92 -11.41 23.45
C ASN A 304 -20.73 -12.31 24.68
N THR A 305 -20.49 -11.70 25.85
CA THR A 305 -20.29 -12.46 27.07
C THR A 305 -21.27 -12.05 28.17
N ILE A 306 -21.57 -13.01 29.04
CA ILE A 306 -22.18 -12.74 30.33
C ILE A 306 -21.09 -12.89 31.37
N ASN A 307 -21.05 -11.97 32.34
CA ASN A 307 -19.88 -11.81 33.19
C ASN A 307 -20.26 -11.46 34.62
N SER A 308 -19.40 -11.88 35.55
CA SER A 308 -19.40 -11.31 36.88
C SER A 308 -17.97 -11.37 37.39
N PHE A 309 -17.70 -10.61 38.45
CA PHE A 309 -16.35 -10.54 38.95
C PHE A 309 -16.38 -10.13 40.42
N LYS A 310 -15.25 -10.38 41.09
CA LYS A 310 -15.08 -10.01 42.50
C LYS A 310 -13.71 -9.41 42.67
N VAL A 311 -13.65 -8.16 43.11
CA VAL A 311 -12.37 -7.59 43.48
C VAL A 311 -11.89 -8.30 44.75
N VAL A 312 -10.83 -9.07 44.63
CA VAL A 312 -10.31 -9.78 45.79
C VAL A 312 -9.53 -8.84 46.70
N ALA A 313 -8.84 -7.86 46.12
CA ALA A 313 -8.05 -6.96 46.95
C ALA A 313 -7.60 -5.78 46.12
N LYS A 314 -7.34 -4.68 46.81
CA LYS A 314 -6.85 -3.42 46.25
C LYS A 314 -5.67 -2.96 47.07
N THR A 315 -4.74 -2.29 46.41
CA THR A 315 -3.59 -1.75 47.13
C THR A 315 -2.91 -0.70 46.28
N ALA A 316 -2.07 0.10 46.92
CA ALA A 316 -1.12 0.98 46.25
C ALA A 316 0.27 0.39 46.44
N ALA A 317 0.90 0.00 45.35
CA ALA A 317 2.21 -0.61 45.44
C ALA A 317 3.07 -0.16 44.28
N ALA A 318 4.38 -0.33 44.44
CA ALA A 318 5.30 0.05 43.38
C ALA A 318 5.04 -0.80 42.15
N ASP A 319 5.07 -0.16 40.98
CA ASP A 319 4.98 -0.87 39.71
C ASP A 319 6.35 -1.29 39.18
N SER A 320 7.42 -0.61 39.61
CA SER A 320 8.78 -0.91 39.18
C SER A 320 9.60 -1.22 40.42
N ILE A 321 10.28 -2.36 40.40
CA ILE A 321 11.05 -2.85 41.52
C ILE A 321 12.47 -3.09 41.03
N GLU A 322 13.45 -2.55 41.75
CA GLU A 322 14.85 -2.82 41.47
C GLU A 322 15.36 -3.89 42.42
N PHE A 323 16.10 -4.85 41.89
CA PHE A 323 16.57 -5.93 42.72
C PHE A 323 17.80 -6.56 42.09
N ARG A 324 18.66 -7.12 42.94
CA ARG A 324 19.73 -7.99 42.49
C ARG A 324 19.51 -9.37 43.10
N GLN A 325 20.10 -10.38 42.46
CA GLN A 325 19.83 -11.75 42.83
C GLN A 325 21.09 -12.59 42.68
N ILE A 326 21.06 -13.76 43.32
CA ILE A 326 22.06 -14.80 43.08
C ILE A 326 21.41 -16.16 43.26
N GLN A 327 21.50 -17.00 42.23
CA GLN A 327 20.91 -18.33 42.19
C GLN A 327 21.86 -19.35 42.80
N VAL A 328 21.28 -20.39 43.40
CA VAL A 328 22.04 -21.42 44.09
C VAL A 328 21.53 -22.78 43.61
N PHE A 329 22.34 -23.45 42.78
CA PHE A 329 22.12 -24.84 42.42
C PHE A 329 23.35 -25.64 42.84
N ALA A 330 23.12 -26.87 43.28
CA ALA A 330 24.20 -27.75 43.70
C ALA A 330 23.82 -29.18 43.35
N GLU A 331 24.69 -30.12 43.70
CA GLU A 331 24.49 -31.50 43.28
C GLU A 331 23.21 -32.09 43.85
N ASP A 332 22.85 -31.72 45.08
CA ASP A 332 21.69 -32.30 45.74
C ASP A 332 21.06 -31.26 46.67
N ALA A 333 20.01 -31.71 47.38
CA ALA A 333 19.22 -30.82 48.22
C ALA A 333 19.98 -30.38 49.46
N LEU A 334 20.65 -31.33 50.12
CA LEU A 334 21.47 -31.03 51.29
C LEU A 334 22.47 -29.90 51.03
N LYS A 335 23.19 -29.99 49.90
CA LYS A 335 24.22 -28.99 49.62
C LYS A 335 23.61 -27.66 49.20
N THR A 336 22.54 -27.70 48.40
CA THR A 336 21.85 -26.48 48.01
C THR A 336 21.43 -25.66 49.23
N LYS A 337 20.83 -26.33 50.22
CA LYS A 337 20.34 -25.61 51.38
C LYS A 337 21.49 -25.05 52.20
N ALA A 338 22.50 -25.88 52.50
CA ALA A 338 23.67 -25.39 53.23
C ALA A 338 24.29 -24.21 52.52
N LEU A 339 24.46 -24.31 51.20
CA LEU A 339 25.14 -23.24 50.45
C LEU A 339 24.31 -21.96 50.43
N ALA A 340 23.00 -22.06 50.22
CA ALA A 340 22.18 -20.84 50.21
C ALA A 340 22.16 -20.19 51.60
N ASP A 341 22.11 -20.99 52.67
CA ASP A 341 22.13 -20.40 54.01
C ASP A 341 23.45 -19.65 54.26
N SER A 342 24.57 -20.21 53.80
CA SER A 342 25.85 -19.52 53.96
C SER A 342 25.85 -18.18 53.21
N ILE A 343 25.38 -18.18 51.96
CA ILE A 343 25.36 -16.96 51.18
C ILE A 343 24.46 -15.93 51.83
N TYR A 344 23.26 -16.34 52.22
CA TYR A 344 22.35 -15.44 52.92
C TYR A 344 23.04 -14.82 54.14
N THR A 345 23.76 -15.63 54.91
CA THR A 345 24.44 -15.12 56.11
C THR A 345 25.45 -14.03 55.75
N ALA A 346 26.28 -14.28 54.73
CA ALA A 346 27.26 -13.29 54.32
C ALA A 346 26.61 -11.96 53.99
N ILE A 347 25.57 -11.97 53.15
CA ILE A 347 24.91 -10.72 52.76
C ILE A 347 24.39 -9.97 53.99
N LYS A 348 23.71 -10.69 54.90
CA LYS A 348 23.12 -9.98 56.04
C LYS A 348 24.20 -9.38 56.95
N GLY A 349 25.41 -9.94 56.94
CA GLY A 349 26.53 -9.40 57.68
C GLY A 349 27.25 -8.25 57.02
N GLY A 350 26.81 -7.84 55.83
CA GLY A 350 27.39 -6.71 55.14
C GLY A 350 28.36 -7.04 54.02
N ALA A 351 28.46 -8.31 53.61
CA ALA A 351 29.28 -8.63 52.44
C ALA A 351 28.73 -7.95 51.19
N ASN A 352 29.63 -7.57 50.29
CA ASN A 352 29.21 -6.92 49.06
C ASN A 352 28.53 -7.93 48.14
N PHE A 353 27.36 -7.56 47.62
CA PHE A 353 26.55 -8.47 46.82
C PHE A 353 27.25 -8.83 45.52
N ALA A 354 27.75 -7.83 44.79
CA ALA A 354 28.40 -8.06 43.51
C ALA A 354 29.59 -9.00 43.67
N ASP A 355 30.46 -8.73 44.66
CA ASP A 355 31.62 -9.57 44.91
C ASP A 355 31.22 -11.03 45.13
N LEU A 356 30.29 -11.25 46.05
CA LEU A 356 29.86 -12.60 46.37
C LEU A 356 29.23 -13.29 45.17
N ALA A 357 28.49 -12.53 44.33
CA ALA A 357 27.83 -13.12 43.17
C ALA A 357 28.84 -13.56 42.13
N LYS A 358 29.90 -12.78 41.95
CA LYS A 358 30.97 -13.19 41.04
C LYS A 358 31.53 -14.54 41.44
N LYS A 359 31.66 -14.78 42.74
CA LYS A 359 32.25 -16.02 43.26
C LYS A 359 31.50 -17.29 42.82
N TYR A 360 30.24 -17.17 42.40
CA TYR A 360 29.49 -18.30 41.86
C TYR A 360 29.05 -18.04 40.42
N GLY A 361 29.87 -17.30 39.68
CA GLY A 361 29.68 -17.08 38.26
C GLY A 361 28.41 -16.36 37.87
N GLN A 362 28.13 -15.25 38.54
CA GLN A 362 26.97 -14.41 38.20
C GLN A 362 27.32 -12.95 38.39
N THR A 363 26.62 -12.09 37.66
CA THR A 363 26.93 -10.67 37.72
C THR A 363 26.56 -10.08 39.07
N GLY A 364 25.34 -10.36 39.54
CA GLY A 364 24.87 -9.73 40.76
C GLY A 364 24.59 -8.26 40.62
N GLU A 365 24.42 -7.78 39.40
CA GLU A 365 24.04 -6.39 39.21
C GLU A 365 22.54 -6.22 39.38
N THR A 366 22.15 -5.10 39.96
CA THR A 366 20.73 -4.77 40.07
C THR A 366 20.10 -4.68 38.69
N ASN A 367 18.83 -5.04 38.62
CA ASN A 367 18.00 -4.92 37.42
C ASN A 367 16.68 -4.29 37.83
N TRP A 368 15.83 -4.03 36.84
CA TRP A 368 14.49 -3.54 37.11
C TRP A 368 13.46 -4.55 36.61
N MET A 369 12.27 -4.41 37.15
CA MET A 369 11.14 -5.25 36.78
C MET A 369 9.88 -4.42 36.94
N SER A 370 9.09 -4.34 35.88
CA SER A 370 7.80 -3.67 35.94
C SER A 370 6.71 -4.71 35.71
N SER A 371 5.52 -4.44 36.25
CA SER A 371 4.44 -5.40 36.11
C SER A 371 4.05 -5.63 34.65
N ALA A 372 4.49 -4.74 33.74
CA ALA A 372 4.20 -4.93 32.32
C ALA A 372 4.95 -6.12 31.70
N GLN A 373 6.09 -6.52 32.28
CA GLN A 373 6.84 -7.65 31.74
C GLN A 373 6.22 -9.00 32.06
N TYR A 374 5.27 -9.07 32.99
CA TYR A 374 4.56 -10.32 33.24
C TYR A 374 3.05 -10.20 33.08
N GLU A 375 2.51 -9.00 33.01
CA GLU A 375 1.10 -8.78 32.71
C GLU A 375 0.70 -9.49 31.44
N GLY A 376 -0.26 -10.42 31.55
CA GLY A 376 -0.75 -11.18 30.42
C GLY A 376 -0.19 -12.59 30.30
N ALA A 377 1.00 -12.85 30.82
CA ALA A 377 1.55 -14.20 30.72
C ALA A 377 0.86 -15.16 31.69
N GLN A 378 0.95 -16.45 31.39
CA GLN A 378 0.57 -17.46 32.37
C GLN A 378 1.69 -17.57 33.41
N ILE A 379 1.34 -17.31 34.66
CA ILE A 379 2.32 -17.22 35.75
C ILE A 379 1.94 -18.26 36.78
N ASP A 380 2.86 -19.17 37.05
CA ASP A 380 2.64 -20.24 38.03
C ASP A 380 4.01 -20.77 38.45
N GLY A 381 3.99 -21.73 39.37
CA GLY A 381 5.22 -22.40 39.77
C GLY A 381 6.23 -21.42 40.34
N ASP A 382 7.49 -21.58 39.91
CA ASP A 382 8.58 -20.78 40.45
C ASP A 382 8.46 -19.33 40.04
N ASN A 383 7.87 -19.06 38.87
CA ASN A 383 7.67 -17.68 38.42
C ASN A 383 6.76 -16.93 39.39
N LEU A 384 5.64 -17.54 39.76
CA LEU A 384 4.71 -16.90 40.68
C LEU A 384 5.35 -16.70 42.06
N LYS A 385 6.02 -17.74 42.57
CA LYS A 385 6.74 -17.62 43.83
C LYS A 385 7.78 -16.49 43.77
N PHE A 386 8.57 -16.46 42.71
CA PHE A 386 9.58 -15.41 42.54
C PHE A 386 8.95 -14.03 42.49
N ILE A 387 7.93 -13.84 41.63
CA ILE A 387 7.38 -12.50 41.45
C ILE A 387 6.68 -12.04 42.71
N SER A 388 5.98 -12.95 43.40
CA SER A 388 5.37 -12.62 44.68
C SER A 388 6.42 -12.20 45.69
N ALA A 389 7.58 -12.88 45.67
CA ALA A 389 8.64 -12.56 46.61
C ALA A 389 9.17 -11.14 46.40
N ILE A 390 9.39 -10.76 45.15
CA ILE A 390 9.89 -9.42 44.83
C ILE A 390 8.91 -8.35 45.28
N ASN A 391 7.61 -8.57 45.06
CA ASN A 391 6.61 -7.58 45.42
C ASN A 391 6.34 -7.51 46.91
N ASN A 392 6.83 -8.46 47.70
CA ASN A 392 6.56 -8.47 49.13
C ASN A 392 7.83 -8.31 49.97
N THR A 393 8.94 -7.97 49.33
CA THR A 393 10.20 -7.72 50.02
C THR A 393 10.43 -6.21 50.12
N GLY A 394 10.74 -5.74 51.33
CA GLY A 394 11.01 -4.32 51.52
C GLY A 394 12.33 -3.89 50.91
N VAL A 395 12.48 -2.58 50.75
CA VAL A 395 13.71 -2.05 50.17
C VAL A 395 14.88 -2.41 51.08
N ASN A 396 15.92 -3.01 50.48
CA ASN A 396 17.17 -3.43 51.13
C ASN A 396 17.06 -4.73 51.90
N GLU A 397 15.85 -5.20 52.17
CA GLU A 397 15.67 -6.51 52.76
C GLU A 397 16.24 -7.59 51.85
N VAL A 398 16.77 -8.64 52.48
CA VAL A 398 17.31 -9.79 51.78
C VAL A 398 16.48 -11.01 52.16
N VAL A 399 16.26 -11.89 51.20
CA VAL A 399 15.48 -13.09 51.46
C VAL A 399 16.16 -14.26 50.76
N ASN A 400 16.05 -15.43 51.38
CA ASN A 400 16.53 -16.68 50.80
C ASN A 400 15.29 -17.47 50.36
N LEU A 401 15.00 -17.44 49.06
CA LEU A 401 13.75 -17.97 48.54
C LEU A 401 13.94 -19.39 48.03
N PRO A 402 13.27 -20.39 48.59
CA PRO A 402 13.34 -21.75 48.02
C PRO A 402 12.42 -21.88 46.81
N LEU A 403 12.95 -22.48 45.73
CA LEU A 403 12.24 -22.54 44.44
C LEU A 403 12.30 -23.97 43.91
N GLY A 404 11.62 -24.88 44.60
CA GLY A 404 11.67 -26.27 44.20
C GLY A 404 13.09 -26.80 44.20
N GLN A 405 13.72 -26.85 43.01
CA GLN A 405 15.05 -27.44 42.87
C GLN A 405 16.17 -26.52 43.31
N ALA A 406 15.97 -25.21 43.29
CA ALA A 406 17.03 -24.27 43.57
C ALA A 406 16.64 -23.33 44.70
N ASN A 407 17.55 -22.42 45.02
CA ASN A 407 17.26 -21.30 45.90
C ASN A 407 17.70 -20.06 45.17
N VAL A 408 17.18 -18.91 45.58
CA VAL A 408 17.70 -17.64 45.07
C VAL A 408 17.80 -16.66 46.24
N ILE A 409 19.00 -16.13 46.45
CA ILE A 409 19.20 -15.03 47.38
C ILE A 409 18.79 -13.75 46.67
N LEU A 410 17.88 -13.01 47.29
CA LEU A 410 17.22 -11.90 46.63
C LEU A 410 17.34 -10.68 47.51
N GLN A 411 17.65 -9.53 46.90
CA GLN A 411 17.66 -8.27 47.62
C GLN A 411 16.99 -7.19 46.78
N VAL A 412 15.94 -6.59 47.34
CA VAL A 412 15.30 -5.44 46.71
C VAL A 412 16.07 -4.18 47.09
N THR A 413 16.43 -3.38 46.10
CA THR A 413 17.17 -2.15 46.35
C THR A 413 16.36 -0.88 46.16
N ASN A 414 15.26 -0.93 45.40
CA ASN A 414 14.52 0.31 45.15
C ASN A 414 13.13 -0.01 44.62
N LYS A 415 12.21 0.92 44.86
CA LYS A 415 10.83 0.82 44.43
C LYS A 415 10.36 2.18 43.94
N LYS A 416 9.82 2.25 42.73
CA LYS A 416 9.22 3.49 42.24
C LYS A 416 7.94 3.17 41.49
N ALA A 417 7.26 4.22 41.05
CA ALA A 417 6.06 4.12 40.20
C ALA A 417 4.92 3.47 40.96
N VAL A 418 4.60 4.04 42.13
CA VAL A 418 3.51 3.55 42.96
C VAL A 418 2.18 3.81 42.24
N LYS A 419 1.50 2.74 41.84
CA LYS A 419 0.20 2.82 41.17
C LYS A 419 -0.86 2.03 41.94
N ASP A 420 -2.13 2.35 41.67
CA ASP A 420 -3.24 1.57 42.19
C ASP A 420 -3.29 0.22 41.49
N LYS A 421 -3.25 -0.87 42.26
CA LYS A 421 -3.18 -2.22 41.75
C LYS A 421 -4.34 -3.05 42.31
N TYR A 422 -4.66 -4.16 41.62
CA TYR A 422 -5.86 -4.91 41.93
C TYR A 422 -5.63 -6.40 41.75
N LYS A 423 -6.33 -7.20 42.56
CA LYS A 423 -6.62 -8.60 42.25
C LYS A 423 -8.10 -8.68 41.96
N VAL A 424 -8.47 -9.33 40.84
CA VAL A 424 -9.86 -9.44 40.42
C VAL A 424 -10.11 -10.84 39.86
N ALA A 425 -11.08 -11.54 40.43
CA ALA A 425 -11.50 -12.83 39.93
C ALA A 425 -12.68 -12.60 38.99
N VAL A 426 -12.55 -13.03 37.73
CA VAL A 426 -13.49 -12.71 36.66
C VAL A 426 -14.10 -14.01 36.13
N VAL A 427 -15.42 -14.07 36.13
CA VAL A 427 -16.16 -15.12 35.46
C VAL A 427 -16.68 -14.53 34.15
N LYS A 428 -16.10 -14.95 33.04
CA LYS A 428 -16.47 -14.48 31.70
C LYS A 428 -16.86 -15.68 30.87
N ARG A 429 -18.09 -15.72 30.38
CA ARG A 429 -18.57 -16.82 29.56
C ARG A 429 -19.20 -16.28 28.28
N GLU A 430 -18.74 -16.79 27.14
CA GLU A 430 -19.27 -16.36 25.86
C GLU A 430 -20.67 -16.96 25.66
N VAL A 431 -21.59 -16.15 25.14
CA VAL A 431 -22.93 -16.64 24.83
C VAL A 431 -22.93 -17.35 23.48
N GLU A 432 -22.58 -18.63 23.46
CA GLU A 432 -22.48 -19.39 22.22
C GLU A 432 -23.78 -20.12 21.90
N PHE A 433 -24.01 -20.35 20.60
CA PHE A 433 -25.21 -21.08 20.21
C PHE A 433 -25.02 -22.57 20.48
N SER A 434 -26.14 -23.27 20.65
CA SER A 434 -26.09 -24.73 20.76
C SER A 434 -25.98 -25.37 19.37
N LYS A 435 -25.72 -26.67 19.38
CA LYS A 435 -25.82 -27.44 18.15
C LYS A 435 -27.26 -27.50 17.64
N GLU A 436 -28.25 -27.52 18.53
CA GLU A 436 -29.64 -27.53 18.09
C GLU A 436 -29.96 -26.28 17.28
N THR A 437 -29.49 -25.13 17.76
CA THR A 437 -29.67 -23.87 17.04
C THR A 437 -29.01 -23.91 15.67
N TYR A 438 -27.75 -24.35 15.63
CA TYR A 438 -27.05 -24.45 14.35
C TYR A 438 -27.78 -25.39 13.40
N ASN A 439 -28.20 -26.57 13.90
CA ASN A 439 -28.85 -27.55 13.03
C ASN A 439 -30.17 -27.04 12.49
N ARG A 440 -30.90 -26.23 13.27
CA ARG A 440 -32.14 -25.62 12.76
C ARG A 440 -31.83 -24.71 11.58
N ALA A 441 -30.80 -23.88 11.73
CA ALA A 441 -30.45 -22.94 10.66
C ALA A 441 -29.92 -23.68 9.43
N TYR A 442 -29.08 -24.69 9.64
CA TYR A 442 -28.56 -25.49 8.54
C TYR A 442 -29.69 -26.20 7.80
N ASN A 443 -30.66 -26.76 8.53
CA ASN A 443 -31.78 -27.44 7.89
C ASN A 443 -32.63 -26.49 7.07
N ASP A 444 -32.94 -25.31 7.61
CA ASP A 444 -33.73 -24.35 6.85
C ASP A 444 -33.00 -23.93 5.58
N PHE A 445 -31.69 -23.68 5.69
CA PHE A 445 -30.93 -23.18 4.56
C PHE A 445 -30.77 -24.24 3.49
N SER A 446 -30.52 -25.48 3.89
CA SER A 446 -30.40 -26.56 2.90
C SER A 446 -31.73 -26.82 2.23
N GLN A 447 -32.84 -26.71 2.97
CA GLN A 447 -34.14 -26.86 2.32
C GLN A 447 -34.36 -25.77 1.30
N PHE A 448 -33.97 -24.53 1.63
CA PHE A 448 -34.12 -23.43 0.67
C PHE A 448 -33.25 -23.65 -0.58
N ILE A 449 -31.99 -24.03 -0.40
CA ILE A 449 -31.09 -24.22 -1.54
C ILE A 449 -31.61 -25.31 -2.46
N ALA A 450 -31.98 -26.46 -1.89
CA ALA A 450 -32.47 -27.58 -2.70
C ALA A 450 -33.77 -27.24 -3.46
N ALA A 451 -34.65 -26.43 -2.86
CA ALA A 451 -35.89 -26.02 -3.51
C ALA A 451 -35.67 -24.92 -4.55
N ASN A 452 -34.48 -24.33 -4.60
CA ASN A 452 -34.18 -23.23 -5.51
C ASN A 452 -32.80 -23.46 -6.15
N PRO A 453 -32.63 -24.56 -6.90
CA PRO A 453 -31.29 -24.94 -7.38
C PRO A 453 -30.83 -24.21 -8.64
N THR A 454 -31.47 -23.09 -8.98
CA THR A 454 -31.06 -22.26 -10.10
C THR A 454 -31.00 -20.82 -9.65
N ALA A 455 -30.17 -20.02 -10.32
CA ALA A 455 -29.99 -18.63 -9.91
C ALA A 455 -31.31 -17.86 -10.02
N GLU A 456 -32.08 -18.14 -11.07
CA GLU A 456 -33.38 -17.50 -11.27
C GLU A 456 -34.30 -17.73 -10.07
N LYS A 457 -34.37 -18.99 -9.59
CA LYS A 457 -35.25 -19.31 -8.45
C LYS A 457 -34.72 -18.73 -7.15
N MET A 458 -33.41 -18.79 -6.93
CA MET A 458 -32.83 -18.23 -5.70
C MET A 458 -33.08 -16.73 -5.57
N ILE A 459 -32.88 -15.99 -6.66
CA ILE A 459 -33.08 -14.55 -6.61
C ILE A 459 -34.55 -14.22 -6.37
N ALA A 460 -35.45 -15.00 -7.00
CA ALA A 460 -36.87 -14.71 -6.92
C ALA A 460 -37.48 -15.05 -5.55
N ASN A 461 -36.88 -15.98 -4.81
CA ASN A 461 -37.54 -16.53 -3.64
C ASN A 461 -36.78 -16.32 -2.34
N ALA A 462 -35.60 -15.70 -2.38
CA ALA A 462 -34.83 -15.48 -1.15
C ALA A 462 -35.60 -14.69 -0.11
N GLU A 463 -36.26 -13.60 -0.51
CA GLU A 463 -36.90 -12.71 0.44
C GLU A 463 -38.00 -13.44 1.21
N GLU A 464 -38.89 -14.14 0.50
CA GLU A 464 -39.98 -14.84 1.16
C GLU A 464 -39.50 -15.92 2.11
N ALA A 465 -38.33 -16.50 1.84
CA ALA A 465 -37.77 -17.50 2.75
C ALA A 465 -37.00 -16.86 3.91
N GLY A 466 -36.86 -15.53 3.92
CA GLY A 466 -36.20 -14.83 5.01
C GLY A 466 -34.73 -14.58 4.85
N TYR A 467 -34.16 -14.76 3.65
CA TYR A 467 -32.73 -14.62 3.42
C TYR A 467 -32.43 -13.32 2.70
N LYS A 468 -31.38 -12.62 3.15
CA LYS A 468 -30.95 -11.39 2.50
C LYS A 468 -30.01 -11.72 1.34
N LEU A 469 -30.44 -11.38 0.14
CA LEU A 469 -29.69 -11.64 -1.09
C LEU A 469 -28.71 -10.49 -1.31
N LEU A 470 -27.43 -10.79 -1.19
CA LEU A 470 -26.40 -9.77 -1.38
C LEU A 470 -25.88 -9.84 -2.81
N ASP A 471 -25.20 -8.77 -3.20
CA ASP A 471 -24.87 -8.54 -4.59
C ASP A 471 -23.40 -8.18 -4.71
N ARG A 472 -22.74 -8.70 -5.73
CA ARG A 472 -21.35 -8.38 -5.96
C ARG A 472 -21.09 -8.50 -7.45
N ARG A 473 -20.77 -7.37 -8.07
CA ARG A 473 -20.35 -7.32 -9.46
C ARG A 473 -18.83 -7.19 -9.54
N ASP A 474 -18.29 -7.62 -10.68
CA ASP A 474 -16.86 -7.54 -10.95
C ASP A 474 -16.04 -8.19 -9.84
N LEU A 475 -16.42 -9.41 -9.50
CA LEU A 475 -15.62 -10.26 -8.62
C LEU A 475 -14.41 -10.80 -9.36
N TYR A 476 -13.22 -10.66 -8.77
CA TYR A 476 -11.99 -11.17 -9.35
C TYR A 476 -11.50 -12.39 -8.59
N SER A 477 -10.82 -13.28 -9.31
CA SER A 477 -10.39 -14.54 -8.72
C SER A 477 -9.20 -14.38 -7.77
N SER A 478 -8.70 -13.17 -7.52
CA SER A 478 -7.59 -12.99 -6.60
C SER A 478 -8.04 -12.50 -5.22
N GLU A 479 -9.33 -12.57 -4.91
CA GLU A 479 -9.89 -11.89 -3.74
C GLU A 479 -9.98 -12.74 -2.47
N HIS A 480 -9.70 -14.05 -2.55
CA HIS A 480 -9.64 -14.95 -1.39
C HIS A 480 -10.99 -15.34 -0.80
N THR A 481 -11.90 -14.40 -0.61
CA THR A 481 -13.18 -14.74 -0.01
C THR A 481 -14.32 -14.24 -0.89
N ILE A 482 -15.51 -14.80 -0.63
CA ILE A 482 -16.79 -14.23 -1.04
C ILE A 482 -17.30 -13.38 0.10
N GLY A 483 -17.74 -12.16 -0.20
CA GLY A 483 -18.38 -11.30 0.79
C GLY A 483 -17.61 -11.05 2.09
N GLY A 484 -16.28 -11.20 2.06
CA GLY A 484 -15.46 -10.98 3.24
C GLY A 484 -15.57 -12.06 4.31
N VAL A 485 -16.32 -13.14 4.06
CA VAL A 485 -16.52 -14.17 5.07
C VAL A 485 -15.31 -15.12 5.09
N ARG A 486 -14.81 -15.41 6.29
CA ARG A 486 -13.67 -16.28 6.44
C ARG A 486 -13.98 -17.70 5.98
N GLY A 487 -13.01 -18.31 5.30
CA GLY A 487 -13.15 -19.70 4.90
C GLY A 487 -13.99 -19.96 3.67
N THR A 488 -14.15 -18.98 2.78
CA THR A 488 -14.98 -19.14 1.59
C THR A 488 -14.15 -19.26 0.31
N LYS A 489 -12.86 -19.58 0.41
CA LYS A 489 -12.05 -19.64 -0.81
C LYS A 489 -12.52 -20.76 -1.74
N GLU A 490 -13.14 -21.82 -1.20
CA GLU A 490 -13.76 -22.85 -2.02
C GLU A 490 -14.92 -22.28 -2.84
N ALA A 491 -15.72 -21.41 -2.23
CA ALA A 491 -16.86 -20.82 -2.95
C ALA A 491 -16.39 -19.87 -4.05
N LEU A 492 -15.26 -19.20 -3.85
CA LEU A 492 -14.64 -18.38 -4.89
C LEU A 492 -14.16 -19.25 -6.05
N ARG A 493 -13.39 -20.29 -5.74
CA ARG A 493 -13.03 -21.30 -6.74
C ARG A 493 -14.26 -21.79 -7.51
N TRP A 494 -15.34 -22.15 -6.79
CA TRP A 494 -16.55 -22.64 -7.45
C TRP A 494 -17.10 -21.59 -8.40
N ALA A 495 -17.08 -20.32 -7.99
CA ALA A 495 -17.69 -19.27 -8.79
C ALA A 495 -16.96 -19.08 -10.11
N PHE A 496 -15.67 -19.37 -10.18
CA PHE A 496 -14.92 -19.18 -11.40
C PHE A 496 -14.84 -20.42 -12.27
N SER A 497 -15.48 -21.51 -11.86
CA SER A 497 -15.61 -22.67 -12.71
C SER A 497 -17.06 -22.96 -13.06
N ALA A 498 -18.02 -22.29 -12.44
CA ALA A 498 -19.43 -22.47 -12.72
C ALA A 498 -19.83 -21.78 -14.02
N LYS A 499 -21.09 -21.94 -14.41
CA LYS A 499 -21.66 -21.28 -15.57
C LYS A 499 -22.86 -20.43 -15.14
N PRO A 500 -23.12 -19.31 -15.80
CA PRO A 500 -24.25 -18.45 -15.42
C PRO A 500 -25.56 -19.22 -15.25
N GLY A 501 -26.28 -18.90 -14.17
CA GLY A 501 -27.48 -19.65 -13.80
C GLY A 501 -27.28 -20.68 -12.70
N ASP A 502 -26.05 -21.15 -12.48
CA ASP A 502 -25.77 -22.17 -11.47
C ASP A 502 -25.93 -21.64 -10.04
N VAL A 503 -26.26 -22.53 -9.12
CA VAL A 503 -26.29 -22.26 -7.69
C VAL A 503 -25.36 -23.24 -6.99
N SER A 504 -24.50 -22.71 -6.12
CA SER A 504 -23.52 -23.55 -5.40
C SER A 504 -24.22 -24.37 -4.30
N GLY A 505 -23.43 -25.24 -3.66
CA GLY A 505 -23.89 -25.88 -2.45
C GLY A 505 -23.82 -24.94 -1.25
N LEU A 506 -24.18 -25.49 -0.10
CA LEU A 506 -24.08 -24.77 1.16
C LEU A 506 -22.66 -24.93 1.71
N TYR A 507 -21.93 -23.83 1.81
CA TYR A 507 -20.61 -23.84 2.44
C TYR A 507 -20.72 -23.49 3.92
N GLU A 508 -20.13 -24.33 4.78
CA GLU A 508 -20.00 -23.97 6.19
C GLU A 508 -18.66 -23.26 6.37
N CYS A 509 -18.69 -22.09 6.96
CA CYS A 509 -17.50 -21.24 6.94
C CYS A 509 -17.58 -20.31 8.16
N GLY A 510 -16.87 -19.18 8.08
CA GLY A 510 -16.73 -18.32 9.25
C GLY A 510 -15.89 -19.02 10.30
N GLU A 511 -16.28 -18.84 11.56
CA GLU A 511 -15.70 -19.59 12.66
C GLU A 511 -16.75 -20.59 13.15
N SER A 512 -17.04 -21.54 12.25
CA SER A 512 -18.09 -22.54 12.42
C SER A 512 -19.43 -21.89 12.76
N ASP A 513 -19.69 -20.70 12.21
CA ASP A 513 -20.93 -20.00 12.49
C ASP A 513 -21.50 -19.26 11.28
N HIS A 514 -20.93 -19.44 10.08
CA HIS A 514 -21.48 -18.85 8.87
C HIS A 514 -21.83 -19.95 7.88
N MET A 515 -22.76 -19.62 6.99
CA MET A 515 -23.23 -20.52 5.94
C MET A 515 -23.43 -19.65 4.71
N VAL A 516 -22.83 -20.07 3.60
CA VAL A 516 -22.82 -19.28 2.38
C VAL A 516 -23.30 -20.14 1.22
N ALA A 517 -24.15 -19.56 0.37
CA ALA A 517 -24.53 -20.10 -0.93
C ALA A 517 -24.34 -19.00 -1.96
N VAL A 518 -23.95 -19.38 -3.18
CA VAL A 518 -23.58 -18.42 -4.22
C VAL A 518 -24.36 -18.75 -5.50
N ALA A 519 -24.97 -17.73 -6.10
CA ALA A 519 -25.52 -17.84 -7.46
C ALA A 519 -24.64 -17.08 -8.44
N LEU A 520 -24.28 -17.72 -9.55
CA LEU A 520 -23.50 -17.06 -10.57
C LEU A 520 -24.45 -16.50 -11.62
N VAL A 521 -24.33 -15.19 -11.88
CA VAL A 521 -25.26 -14.49 -12.74
C VAL A 521 -24.63 -14.04 -14.05
N GLY A 522 -23.32 -13.82 -14.09
CA GLY A 522 -22.69 -13.37 -15.31
C GLY A 522 -21.18 -13.49 -15.32
N VAL A 523 -20.62 -13.65 -16.52
CA VAL A 523 -19.18 -13.71 -16.74
C VAL A 523 -18.80 -12.61 -17.73
N THR A 524 -17.74 -11.86 -17.40
CA THR A 524 -17.15 -10.87 -18.30
C THR A 524 -15.74 -11.33 -18.64
N PRO A 525 -15.59 -12.13 -19.70
CA PRO A 525 -14.26 -12.70 -19.98
C PRO A 525 -13.26 -11.63 -20.32
N GLU A 526 -11.99 -11.99 -20.20
CA GLU A 526 -10.93 -11.08 -20.61
C GLU A 526 -11.05 -10.77 -22.10
N GLY A 527 -10.81 -9.51 -22.45
CA GLY A 527 -11.03 -9.01 -23.80
C GLY A 527 -11.58 -7.61 -23.73
N TYR A 528 -12.80 -7.40 -24.24
CA TYR A 528 -13.50 -6.13 -24.15
C TYR A 528 -14.69 -6.25 -23.22
N ARG A 529 -14.89 -5.24 -22.40
CA ARG A 529 -16.14 -5.12 -21.69
C ARG A 529 -17.26 -4.95 -22.71
N PRO A 530 -18.38 -5.65 -22.56
CA PRO A 530 -19.48 -5.52 -23.53
C PRO A 530 -20.13 -4.15 -23.44
N LEU A 531 -20.87 -3.82 -24.50
CA LEU A 531 -21.59 -2.55 -24.55
C LEU A 531 -22.41 -2.30 -23.29
N LYS A 532 -23.16 -3.30 -22.82
CA LYS A 532 -24.03 -3.14 -21.67
C LYS A 532 -23.27 -2.68 -20.43
N ALA A 533 -22.02 -3.11 -20.27
CA ALA A 533 -21.25 -2.77 -19.07
C ALA A 533 -20.87 -1.27 -19.03
N VAL A 534 -20.75 -0.62 -20.19
CA VAL A 534 -20.37 0.78 -20.27
C VAL A 534 -21.47 1.64 -20.89
N GLN A 535 -22.68 1.10 -21.03
CA GLN A 535 -23.82 1.84 -21.58
C GLN A 535 -23.97 3.22 -20.95
N ASP A 536 -23.88 3.30 -19.62
CA ASP A 536 -24.24 4.53 -18.93
C ASP A 536 -23.23 5.64 -19.22
N GLN A 537 -21.95 5.31 -19.20
CA GLN A 537 -20.96 6.32 -19.52
C GLN A 537 -21.10 6.79 -20.98
N LEU A 538 -21.41 5.87 -21.90
CA LEU A 538 -21.57 6.29 -23.30
C LEU A 538 -22.82 7.16 -23.47
N ARG A 539 -23.93 6.77 -22.84
CA ARG A 539 -25.16 7.55 -22.92
C ARG A 539 -24.96 8.97 -22.41
N ALA A 540 -24.25 9.12 -21.29
CA ALA A 540 -24.10 10.45 -20.70
C ALA A 540 -23.24 11.35 -21.59
N GLU A 541 -22.23 10.78 -22.23
CA GLU A 541 -21.45 11.54 -23.19
C GLU A 541 -22.31 11.99 -24.38
N ILE A 542 -23.14 11.08 -24.89
CA ILE A 542 -23.96 11.42 -26.05
C ILE A 542 -24.98 12.49 -25.65
N VAL A 543 -25.46 12.44 -24.41
CA VAL A 543 -26.45 13.41 -23.94
C VAL A 543 -25.83 14.80 -23.85
N LYS A 544 -24.66 14.89 -23.20
CA LYS A 544 -23.96 16.16 -23.11
C LYS A 544 -23.72 16.77 -24.49
N ASP A 545 -23.24 15.96 -25.44
CA ASP A 545 -22.99 16.47 -26.79
C ASP A 545 -24.27 17.02 -27.43
N LYS A 546 -25.42 16.36 -27.20
CA LYS A 546 -26.66 16.82 -27.82
C LYS A 546 -27.25 18.03 -27.10
N LYS A 547 -27.13 18.09 -25.77
CA LYS A 547 -27.49 19.30 -25.04
C LYS A 547 -26.69 20.49 -25.53
N ALA A 548 -25.37 20.33 -25.66
CA ALA A 548 -24.53 21.42 -26.17
C ALA A 548 -24.95 21.83 -27.57
N GLU A 549 -25.32 20.87 -28.42
CA GLU A 549 -25.85 21.21 -29.74
C GLU A 549 -27.14 22.01 -29.64
N LYS A 550 -28.07 21.59 -28.77
CA LYS A 550 -29.33 22.30 -28.64
C LYS A 550 -29.11 23.71 -28.12
N ILE A 551 -28.27 23.86 -27.09
CA ILE A 551 -28.04 25.20 -26.53
C ILE A 551 -27.41 26.11 -27.59
N MET A 552 -26.41 25.60 -28.32
CA MET A 552 -25.78 26.45 -29.32
C MET A 552 -26.73 26.76 -30.47
N ALA A 553 -27.66 25.86 -30.76
CA ALA A 553 -28.69 26.15 -31.76
C ALA A 553 -29.63 27.24 -31.27
N ASP A 554 -30.01 27.20 -29.99
CA ASP A 554 -30.87 28.24 -29.42
C ASP A 554 -30.16 29.60 -29.40
N MET A 555 -28.85 29.60 -29.12
CA MET A 555 -28.09 30.86 -29.13
C MET A 555 -28.07 31.47 -30.53
N LYS A 556 -28.01 30.64 -31.58
CA LYS A 556 -27.99 31.20 -32.93
C LYS A 556 -29.36 31.68 -33.37
N ALA A 557 -30.43 30.95 -32.99
CA ALA A 557 -31.77 31.40 -33.32
C ALA A 557 -32.10 32.72 -32.64
N ALA A 558 -31.57 32.94 -31.43
CA ALA A 558 -31.77 34.21 -30.74
C ALA A 558 -30.94 35.35 -31.32
N ASN A 559 -30.03 35.05 -32.26
CA ASN A 559 -29.12 36.04 -32.86
C ASN A 559 -28.36 36.82 -31.79
N ALA A 560 -27.98 36.11 -30.73
CA ALA A 560 -27.24 36.71 -29.62
C ALA A 560 -25.85 37.07 -30.08
N THR A 561 -25.54 38.37 -30.10
CA THR A 561 -24.23 38.86 -30.51
C THR A 561 -23.52 39.69 -29.43
N SER A 562 -24.18 39.98 -28.31
CA SER A 562 -23.57 40.72 -27.22
C SER A 562 -23.78 40.00 -25.91
N LEU A 563 -22.95 40.36 -24.92
CA LEU A 563 -23.04 39.77 -23.59
C LEU A 563 -24.46 39.89 -23.04
N ASP A 564 -25.10 41.04 -23.23
CA ASP A 564 -26.44 41.24 -22.69
C ASP A 564 -27.47 40.35 -23.36
N GLN A 565 -27.32 40.09 -24.66
CA GLN A 565 -28.28 39.22 -25.34
C GLN A 565 -28.12 37.76 -24.91
N TYR A 566 -26.88 37.33 -24.62
CA TYR A 566 -26.67 36.01 -24.04
C TYR A 566 -27.26 35.93 -22.63
N LYS A 567 -27.04 36.95 -21.81
CA LYS A 567 -27.61 36.92 -20.45
C LYS A 567 -29.13 36.93 -20.47
N ALA A 568 -29.76 37.33 -21.58
CA ALA A 568 -31.21 37.37 -21.65
C ALA A 568 -31.85 36.06 -22.08
N MET A 569 -31.08 35.01 -22.32
CA MET A 569 -31.68 33.77 -22.80
C MET A 569 -32.19 32.92 -21.64
N SER A 570 -33.19 32.07 -21.95
CA SER A 570 -33.79 31.17 -20.97
C SER A 570 -32.72 30.37 -20.26
N GLY A 571 -32.72 30.45 -18.93
CA GLY A 571 -31.81 29.70 -18.12
C GLY A 571 -30.39 30.22 -18.04
N ALA A 572 -30.10 31.38 -18.64
CA ALA A 572 -28.73 31.89 -18.63
C ALA A 572 -28.32 32.32 -17.22
N VAL A 573 -27.04 32.12 -16.89
CA VAL A 573 -26.42 32.70 -15.72
C VAL A 573 -25.23 33.52 -16.19
N SER A 574 -24.74 34.40 -15.32
CA SER A 574 -23.56 35.20 -15.61
C SER A 574 -22.62 35.21 -14.40
N ASP A 575 -21.38 35.67 -14.65
CA ASP A 575 -20.38 35.64 -13.61
C ASP A 575 -19.21 36.51 -14.06
N SER A 576 -18.37 36.89 -13.11
CA SER A 576 -17.15 37.64 -13.35
C SER A 576 -15.99 36.80 -12.82
N LEU A 577 -15.10 36.41 -13.72
CA LEU A 577 -14.03 35.48 -13.40
C LEU A 577 -12.74 36.28 -13.34
N LYS A 578 -12.15 36.39 -12.16
CA LYS A 578 -10.94 37.17 -11.97
C LYS A 578 -9.74 36.27 -11.70
N LEU A 579 -8.57 36.75 -12.12
CA LEU A 579 -7.30 36.05 -11.94
C LEU A 579 -7.32 34.66 -12.58
N VAL A 580 -8.03 34.54 -13.71
CA VAL A 580 -7.99 33.34 -14.51
C VAL A 580 -6.56 33.11 -15.01
N THR A 581 -6.12 31.85 -15.01
CA THR A 581 -4.87 31.49 -15.66
C THR A 581 -5.08 30.24 -16.51
N PHE A 582 -4.15 30.00 -17.43
CA PHE A 582 -4.17 28.73 -18.17
C PHE A 582 -3.87 27.56 -17.24
N ALA A 583 -2.95 27.75 -16.28
CA ALA A 583 -2.42 26.65 -15.49
C ALA A 583 -3.45 26.06 -14.55
N ALA A 584 -4.27 26.88 -13.91
CA ALA A 584 -5.19 26.36 -12.91
C ALA A 584 -6.63 26.54 -13.37
N PRO A 585 -7.47 25.50 -13.26
CA PRO A 585 -8.82 25.60 -13.82
C PRO A 585 -9.69 26.60 -13.06
N ALA A 586 -10.44 27.40 -13.81
CA ALA A 586 -11.27 28.43 -13.19
C ALA A 586 -12.45 27.81 -12.45
N TYR A 587 -12.69 28.24 -11.22
CA TYR A 587 -13.92 27.89 -10.54
C TYR A 587 -14.99 28.91 -10.92
N VAL A 588 -16.16 28.43 -11.32
CA VAL A 588 -17.25 29.28 -11.83
C VAL A 588 -18.41 29.12 -10.88
N SER A 589 -18.59 30.07 -9.96
CA SER A 589 -19.70 30.04 -9.01
C SER A 589 -21.04 29.84 -9.71
N ALA A 590 -21.30 30.65 -10.73
CA ALA A 590 -22.62 30.64 -11.36
C ALA A 590 -23.00 29.26 -11.86
N LEU A 591 -22.00 28.44 -12.21
CA LEU A 591 -22.21 27.07 -12.65
C LEU A 591 -21.92 26.03 -11.57
N ARG A 592 -21.38 26.44 -10.41
CA ARG A 592 -20.96 25.49 -9.37
C ARG A 592 -20.04 24.44 -9.98
N SER A 593 -19.04 24.90 -10.72
CA SER A 593 -18.28 23.95 -11.51
C SER A 593 -16.91 24.53 -11.83
N SER A 594 -15.97 23.63 -12.04
CA SER A 594 -14.62 23.98 -12.45
C SER A 594 -14.54 23.87 -13.98
N GLU A 595 -14.03 24.91 -14.64
CA GLU A 595 -14.06 25.00 -16.11
C GLU A 595 -12.69 25.31 -16.68
N PRO A 596 -11.85 24.29 -16.93
CA PRO A 596 -10.50 24.55 -17.45
C PRO A 596 -10.48 25.19 -18.84
N LEU A 597 -11.57 25.12 -19.61
CA LEU A 597 -11.55 25.78 -20.91
C LEU A 597 -11.61 27.30 -20.80
N VAL A 598 -11.97 27.85 -19.62
CA VAL A 598 -11.97 29.31 -19.44
C VAL A 598 -10.57 29.87 -19.65
N GLY A 599 -9.57 29.25 -19.03
CA GLY A 599 -8.19 29.70 -19.18
C GLY A 599 -7.62 29.44 -20.56
N ALA A 600 -8.00 28.33 -21.19
CA ALA A 600 -7.59 28.08 -22.57
C ALA A 600 -7.99 29.25 -23.47
N TYR A 601 -9.27 29.63 -23.40
CA TYR A 601 -9.74 30.78 -24.16
C TYR A 601 -9.00 32.05 -23.77
N ALA A 602 -8.86 32.28 -22.46
CA ALA A 602 -8.30 33.57 -22.03
C ALA A 602 -6.86 33.74 -22.49
N SER A 603 -6.09 32.64 -22.54
CA SER A 603 -4.68 32.75 -22.91
C SER A 603 -4.46 33.25 -24.34
N VAL A 604 -5.47 33.20 -25.20
CA VAL A 604 -5.28 33.65 -26.58
C VAL A 604 -6.36 34.64 -27.00
N ALA A 605 -7.10 35.19 -26.03
CA ALA A 605 -8.24 36.04 -26.35
C ALA A 605 -7.84 37.49 -26.58
N GLU A 606 -8.66 38.17 -27.37
CA GLU A 606 -8.53 39.60 -27.61
C GLU A 606 -9.34 40.36 -26.60
N MET A 607 -8.84 41.52 -26.22
CA MET A 607 -9.50 42.31 -25.19
C MET A 607 -10.81 42.88 -25.72
N ASN A 608 -11.87 42.76 -24.92
CA ASN A 608 -13.19 43.33 -25.18
C ASN A 608 -13.90 42.68 -26.37
N LYS A 609 -13.48 41.49 -26.78
CA LYS A 609 -14.14 40.76 -27.84
C LYS A 609 -14.92 39.60 -27.23
N LEU A 610 -16.19 39.48 -27.59
CA LEU A 610 -17.02 38.37 -27.10
C LEU A 610 -16.66 37.08 -27.84
N SER A 611 -16.36 36.03 -27.08
CA SER A 611 -15.99 34.74 -27.65
C SER A 611 -17.17 34.07 -28.34
N ALA A 612 -16.86 33.14 -29.23
CA ALA A 612 -17.89 32.20 -29.69
C ALA A 612 -18.27 31.28 -28.54
N PRO A 613 -19.47 30.66 -28.60
CA PRO A 613 -19.87 29.69 -27.57
C PRO A 613 -18.87 28.55 -27.41
N ILE A 614 -18.65 28.16 -26.16
CA ILE A 614 -17.68 27.14 -25.80
C ILE A 614 -18.41 26.04 -25.05
N LYS A 615 -18.17 24.80 -25.45
CA LYS A 615 -18.76 23.64 -24.79
C LYS A 615 -17.93 23.29 -23.56
N GLY A 616 -18.47 23.56 -22.37
CA GLY A 616 -17.79 23.31 -21.12
C GLY A 616 -18.25 22.03 -20.44
N ASN A 617 -17.84 21.89 -19.17
CA ASN A 617 -18.21 20.73 -18.35
C ASN A 617 -19.63 20.82 -17.81
N ALA A 618 -20.03 21.98 -17.26
CA ALA A 618 -21.39 22.14 -16.72
C ALA A 618 -22.33 22.93 -17.64
N GLY A 619 -21.84 23.51 -18.73
CA GLY A 619 -22.74 24.24 -19.61
C GLY A 619 -22.01 24.77 -20.82
N VAL A 620 -22.75 25.50 -21.67
CA VAL A 620 -22.18 26.22 -22.79
C VAL A 620 -22.03 27.66 -22.36
N PHE A 621 -20.87 28.27 -22.61
CA PHE A 621 -20.63 29.63 -22.14
C PHE A 621 -19.91 30.46 -23.19
N VAL A 622 -20.11 31.78 -23.10
CA VAL A 622 -19.32 32.78 -23.80
C VAL A 622 -18.55 33.58 -22.77
N LEU A 623 -17.42 34.16 -23.21
CA LEU A 623 -16.47 34.90 -22.40
C LEU A 623 -16.08 36.19 -23.10
N GLN A 624 -15.95 37.26 -22.31
CA GLN A 624 -15.46 38.54 -22.80
C GLN A 624 -14.44 39.06 -21.81
N MET A 625 -13.17 39.12 -22.22
CA MET A 625 -12.12 39.58 -21.33
C MET A 625 -12.14 41.12 -21.24
N TYR A 626 -11.95 41.64 -20.02
CA TYR A 626 -11.87 43.09 -19.81
C TYR A 626 -10.61 43.53 -19.10
N GLY A 627 -9.79 42.60 -18.62
CA GLY A 627 -8.54 43.03 -18.01
C GLY A 627 -7.55 41.89 -17.97
N LYS A 628 -6.29 42.26 -17.70
CA LYS A 628 -5.10 41.44 -17.85
C LYS A 628 -4.03 41.98 -16.92
N ASP A 629 -3.18 41.10 -16.38
CA ASP A 629 -1.93 41.55 -15.77
C ASP A 629 -1.00 40.35 -15.60
N LYS A 630 0.15 40.60 -14.98
CA LYS A 630 1.20 39.62 -14.80
C LYS A 630 1.68 39.64 -13.36
N LEU A 631 1.93 38.47 -12.78
CA LEU A 631 2.73 38.42 -11.58
C LEU A 631 4.12 38.97 -11.89
N SER A 632 4.80 39.47 -10.87
CA SER A 632 6.08 40.13 -11.14
C SER A 632 7.25 39.16 -11.18
N ASP A 633 6.99 37.86 -11.01
CA ASP A 633 8.04 36.84 -10.95
C ASP A 633 8.99 36.92 -12.15
N THR A 634 10.27 36.67 -11.89
CA THR A 634 11.26 36.62 -12.94
C THR A 634 11.41 35.19 -13.46
N PHE A 635 11.47 35.07 -14.79
CA PHE A 635 11.69 33.78 -15.42
C PHE A 635 13.09 33.28 -15.16
N ASN A 636 13.20 32.05 -14.66
CA ASN A 636 14.47 31.35 -14.50
C ASN A 636 14.35 30.00 -15.22
N ALA A 637 14.94 29.91 -16.41
CA ALA A 637 14.77 28.73 -17.25
C ALA A 637 15.27 27.46 -16.58
N LYS A 638 16.41 27.54 -15.87
CA LYS A 638 16.95 26.34 -15.22
C LYS A 638 16.02 25.84 -14.11
N ASP A 639 15.45 26.75 -13.32
CA ASP A 639 14.54 26.33 -12.26
C ASP A 639 13.23 25.80 -12.81
N GLU A 640 12.69 26.46 -13.84
CA GLU A 640 11.46 25.98 -14.44
C GLU A 640 11.66 24.56 -14.99
N GLU A 641 12.78 24.32 -15.69
CA GLU A 641 13.06 23.00 -16.26
C GLU A 641 13.24 21.94 -15.19
N ALA A 642 13.84 22.30 -14.06
CA ALA A 642 14.01 21.32 -12.99
C ALA A 642 12.67 20.89 -12.43
N THR A 643 11.75 21.86 -12.24
CA THR A 643 10.39 21.52 -11.80
C THR A 643 9.70 20.61 -12.81
N LEU A 644 9.79 20.93 -14.10
CA LEU A 644 9.14 20.11 -15.10
C LEU A 644 9.76 18.70 -15.16
N ALA A 645 11.10 18.62 -15.09
CA ALA A 645 11.78 17.32 -15.07
C ALA A 645 11.28 16.46 -13.91
N ASN A 646 11.16 17.04 -12.70
CA ASN A 646 10.62 16.27 -11.58
C ASN A 646 9.17 15.88 -11.76
N MET A 647 8.36 16.80 -12.32
CA MET A 647 7.01 16.45 -12.74
C MET A 647 6.98 15.25 -13.67
N HIS A 648 7.87 15.23 -14.69
CA HIS A 648 7.90 14.08 -15.60
C HIS A 648 8.17 12.78 -14.83
N ALA A 649 9.09 12.81 -13.87
CA ALA A 649 9.41 11.62 -13.08
C ALA A 649 8.19 11.14 -12.30
N ARG A 650 7.51 12.05 -11.60
CA ARG A 650 6.26 11.71 -10.92
C ARG A 650 5.23 11.12 -11.88
N PHE A 651 5.05 11.73 -13.05
CA PHE A 651 4.02 11.24 -13.98
C PHE A 651 4.36 9.85 -14.51
N ALA A 652 5.64 9.48 -14.55
CA ALA A 652 6.06 8.17 -15.04
C ALA A 652 6.32 7.16 -13.92
N SER A 653 6.05 7.52 -12.66
CA SER A 653 6.37 6.67 -11.53
C SER A 653 5.58 5.36 -11.52
N ARG A 654 4.52 5.24 -12.32
CA ARG A 654 3.71 4.03 -12.38
C ARG A 654 4.11 3.11 -13.54
N LEU A 655 5.36 3.16 -13.98
CA LEU A 655 5.73 2.43 -15.18
C LEU A 655 5.67 0.91 -14.98
N MET A 656 5.82 0.42 -13.74
CA MET A 656 5.60 -1.00 -13.48
C MET A 656 4.26 -1.50 -14.00
N ASN A 657 3.21 -0.65 -13.96
CA ASN A 657 1.90 -1.02 -14.51
C ASN A 657 1.99 -1.32 -16.01
N ASP A 658 2.71 -0.48 -16.76
CA ASP A 658 2.92 -0.71 -18.18
C ASP A 658 3.72 -1.98 -18.44
N LEU A 659 4.76 -2.23 -17.64
CA LEU A 659 5.50 -3.48 -17.80
C LEU A 659 4.58 -4.67 -17.50
N TYR A 660 3.69 -4.50 -16.52
CA TYR A 660 2.71 -5.53 -16.22
C TYR A 660 1.83 -5.85 -17.43
N LEU A 661 1.34 -4.82 -18.13
CA LEU A 661 0.40 -5.04 -19.22
C LEU A 661 1.02 -5.81 -20.37
N LYS A 662 2.31 -5.59 -20.62
CA LYS A 662 3.04 -6.30 -21.66
C LYS A 662 3.71 -7.57 -21.16
N GLY A 663 3.60 -7.85 -19.86
CA GLY A 663 4.24 -9.01 -19.31
C GLY A 663 3.43 -10.28 -19.35
N LYS A 664 2.22 -10.22 -19.92
CA LYS A 664 1.34 -11.38 -20.05
C LYS A 664 1.32 -12.17 -18.74
N VAL A 665 0.90 -11.49 -17.68
CA VAL A 665 0.95 -12.04 -16.33
C VAL A 665 -0.32 -12.83 -16.08
N LYS A 666 -0.16 -14.08 -15.64
CA LYS A 666 -1.28 -14.92 -15.25
C LYS A 666 -1.15 -15.33 -13.79
N ASP A 667 -2.28 -15.31 -13.09
CA ASP A 667 -2.33 -15.52 -11.65
C ASP A 667 -3.37 -16.62 -11.37
N THR A 668 -2.91 -17.86 -11.23
CA THR A 668 -3.80 -18.98 -10.98
C THR A 668 -3.66 -19.51 -9.55
N ARG A 669 -3.25 -18.63 -8.62
CA ARG A 669 -3.10 -19.03 -7.23
C ARG A 669 -4.40 -19.51 -6.60
N TYR A 670 -5.55 -18.96 -7.00
CA TYR A 670 -6.81 -19.35 -6.38
C TYR A 670 -7.18 -20.81 -6.65
N LEU A 671 -6.61 -21.43 -7.69
CA LEU A 671 -6.88 -22.83 -7.96
C LEU A 671 -6.24 -23.78 -6.94
N PHE A 672 -5.36 -23.31 -6.05
CA PHE A 672 -4.65 -24.23 -5.16
C PHE A 672 -4.70 -23.81 -3.69
N PHE A 673 -4.35 -22.57 -3.37
CA PHE A 673 -4.57 -22.03 -2.02
C PHE A 673 -5.11 -20.60 -2.08
N PRO B 1 33.93 -12.95 -18.91
CA PRO B 1 34.19 -12.16 -17.69
C PRO B 1 34.50 -10.70 -18.02
N ARG B 2 34.48 -10.35 -19.32
CA ARG B 2 34.62 -8.94 -19.68
C ARG B 2 33.39 -8.14 -19.23
N GLU B 3 32.19 -8.72 -19.39
CA GLU B 3 30.99 -8.02 -18.94
C GLU B 3 31.00 -7.84 -17.42
N GLU B 4 31.42 -8.87 -16.68
CA GLU B 4 31.46 -8.77 -15.22
C GLU B 4 32.38 -7.65 -14.75
N LYS B 5 33.56 -7.54 -15.35
CA LYS B 5 34.49 -6.48 -14.97
C LYS B 5 33.96 -5.10 -15.35
N ALA B 6 33.32 -5.01 -16.52
CA ALA B 6 32.72 -3.75 -16.96
C ALA B 6 31.62 -3.30 -16.00
N GLN B 7 30.81 -4.25 -15.50
CA GLN B 7 29.73 -3.94 -14.58
C GLN B 7 30.26 -3.48 -13.23
N ALA B 8 31.38 -4.06 -12.78
CA ALA B 8 31.99 -3.59 -11.55
C ALA B 8 32.64 -2.21 -11.73
N ALA B 9 33.10 -1.89 -12.94
CA ALA B 9 33.67 -0.55 -13.15
C ALA B 9 32.58 0.52 -13.27
N LEU B 10 31.35 0.13 -13.56
CA LEU B 10 30.24 1.05 -13.79
C LEU B 10 29.46 1.42 -12.54
N PHE B 11 29.32 0.52 -11.56
CA PHE B 11 28.28 0.72 -10.54
C PHE B 11 28.49 1.99 -9.71
N LYS B 12 29.75 2.40 -9.49
CA LYS B 12 29.95 3.64 -8.72
C LYS B 12 29.44 4.84 -9.48
N GLY B 13 29.58 4.84 -10.81
CA GLY B 13 28.99 5.91 -11.60
C GLY B 13 27.48 5.91 -11.53
N GLN B 14 26.85 4.74 -11.39
CA GLN B 14 25.40 4.70 -11.26
C GLN B 14 24.95 5.32 -9.95
N GLU B 15 25.75 5.19 -8.89
CA GLU B 15 25.49 5.87 -7.63
C GLU B 15 25.62 7.39 -7.76
N TYR B 16 26.75 7.87 -8.30
CA TYR B 16 26.89 9.31 -8.51
C TYR B 16 25.75 9.88 -9.34
N PHE B 17 25.37 9.16 -10.40
CA PHE B 17 24.35 9.65 -11.33
C PHE B 17 23.03 9.87 -10.60
N GLU B 18 22.68 8.94 -9.70
CA GLU B 18 21.44 9.00 -8.96
C GLU B 18 21.45 10.10 -7.89
N GLN B 19 22.62 10.53 -7.45
CA GLN B 19 22.77 11.65 -6.52
C GLN B 19 23.00 12.98 -7.23
N ASP B 20 22.67 13.08 -8.52
CA ASP B 20 22.90 14.28 -9.32
C ASP B 20 24.35 14.75 -9.31
N ALA B 21 25.32 13.87 -9.06
CA ALA B 21 26.73 14.25 -9.09
C ALA B 21 27.30 13.96 -10.49
N TYR B 22 26.85 14.79 -11.47
CA TYR B 22 27.04 14.45 -12.87
C TYR B 22 28.50 14.56 -13.32
N GLU B 23 29.25 15.54 -12.81
CA GLU B 23 30.65 15.68 -13.21
C GLU B 23 31.45 14.43 -12.85
N GLN B 24 31.29 13.92 -11.63
CA GLN B 24 32.01 12.72 -11.23
C GLN B 24 31.45 11.46 -11.87
N ALA B 25 30.15 11.41 -12.15
CA ALA B 25 29.62 10.27 -12.88
C ALA B 25 30.27 10.20 -14.26
N LEU B 26 30.46 11.35 -14.89
CA LEU B 26 30.91 11.44 -16.27
C LEU B 26 32.43 11.27 -16.38
N ASN B 27 33.21 11.98 -15.55
CA ASN B 27 34.66 12.03 -15.70
C ASN B 27 35.41 11.29 -14.62
N GLY B 28 34.71 10.70 -13.67
CA GLY B 28 35.33 9.89 -12.66
C GLY B 28 35.61 10.67 -11.40
N ASP B 29 35.85 9.94 -10.34
CA ASP B 29 36.31 10.57 -9.12
C ASP B 29 37.83 10.41 -9.11
N SER B 30 38.47 10.73 -8.01
CA SER B 30 39.91 10.49 -7.99
C SER B 30 40.26 9.28 -7.14
N ILE B 31 39.29 8.41 -6.86
CA ILE B 31 39.50 7.38 -5.85
C ILE B 31 39.16 6.00 -6.39
N GLY B 32 39.23 5.82 -7.71
CA GLY B 32 39.07 4.49 -8.27
C GLY B 32 37.99 4.35 -9.33
N TYR B 33 37.00 5.25 -9.34
CA TYR B 33 35.96 5.25 -10.36
C TYR B 33 36.40 6.13 -11.53
N VAL B 34 36.47 5.56 -12.74
CA VAL B 34 37.04 6.25 -13.89
C VAL B 34 36.06 7.11 -14.69
N GLY B 35 34.75 6.96 -14.49
CA GLY B 35 33.78 7.79 -15.20
C GLY B 35 33.23 7.07 -16.43
N PHE B 36 32.05 7.53 -16.87
CA PHE B 36 31.34 6.83 -17.94
C PHE B 36 32.13 6.83 -19.24
N LEU B 37 32.83 7.93 -19.56
CA LEU B 37 33.58 8.02 -20.80
C LEU B 37 34.62 6.92 -20.90
N LYS B 38 35.38 6.72 -19.82
CA LYS B 38 36.42 5.70 -19.82
C LYS B 38 35.86 4.29 -19.74
N VAL B 39 34.72 4.09 -19.08
CA VAL B 39 34.09 2.76 -19.13
C VAL B 39 33.72 2.39 -20.57
N ALA B 40 33.12 3.32 -21.31
CA ALA B 40 32.68 2.99 -22.67
C ALA B 40 33.86 2.71 -23.60
N ASP B 41 34.99 3.35 -23.36
CA ASP B 41 36.17 3.10 -24.18
C ASP B 41 36.85 1.79 -23.78
N GLU B 42 37.05 1.59 -22.48
CA GLU B 42 37.82 0.44 -21.99
C GLU B 42 37.10 -0.88 -22.23
N TYR B 43 35.78 -0.92 -22.02
CA TYR B 43 35.00 -2.15 -22.13
C TYR B 43 34.05 -2.13 -23.31
N SER B 44 34.46 -1.53 -24.43
CA SER B 44 33.58 -1.49 -25.59
C SER B 44 33.22 -2.92 -26.03
N GLY B 45 31.99 -3.08 -26.52
CA GLY B 45 31.43 -4.36 -26.82
C GLY B 45 30.52 -4.92 -25.75
N THR B 46 30.65 -4.47 -24.50
CA THR B 46 29.83 -4.96 -23.41
C THR B 46 28.54 -4.16 -23.31
N LYS B 47 27.53 -4.79 -22.71
CA LYS B 47 26.32 -4.06 -22.38
C LYS B 47 26.60 -2.89 -21.45
N ALA B 48 27.59 -3.02 -20.57
CA ALA B 48 27.91 -1.92 -19.66
C ALA B 48 28.38 -0.68 -20.42
N ALA B 49 29.19 -0.88 -21.47
CA ALA B 49 29.65 0.25 -22.27
C ALA B 49 28.51 0.88 -23.09
N ASN B 50 27.55 0.08 -23.56
CA ASN B 50 26.39 0.66 -24.23
C ASN B 50 25.58 1.51 -23.26
N LEU B 51 25.35 0.98 -22.05
CA LEU B 51 24.67 1.74 -21.00
C LEU B 51 25.41 3.02 -20.67
N ALA B 52 26.75 2.95 -20.61
CA ALA B 52 27.54 4.12 -20.22
C ALA B 52 27.29 5.29 -21.17
N LYS B 53 26.96 5.01 -22.42
CA LYS B 53 26.72 6.09 -23.37
C LYS B 53 25.40 6.80 -23.08
N ALA B 54 24.36 6.05 -22.67
CA ALA B 54 23.11 6.69 -22.25
C ALA B 54 23.33 7.56 -21.02
N TYR B 55 23.98 7.00 -19.98
CA TYR B 55 24.27 7.77 -18.77
C TYR B 55 25.11 9.02 -19.07
N ALA B 56 26.13 8.87 -19.92
CA ALA B 56 27.00 9.99 -20.22
C ALA B 56 26.24 11.08 -20.96
N GLY B 57 25.36 10.68 -21.87
CA GLY B 57 24.57 11.66 -22.60
C GLY B 57 23.68 12.48 -21.68
N ILE B 58 23.08 11.84 -20.67
CA ILE B 58 22.28 12.58 -19.69
C ILE B 58 23.16 13.46 -18.84
N CYS B 59 24.36 12.99 -18.48
CA CYS B 59 25.29 13.85 -17.74
C CYS B 59 25.60 15.13 -18.51
N TYR B 60 25.93 14.98 -19.79
CA TYR B 60 26.26 16.15 -20.59
C TYR B 60 25.11 17.12 -20.66
N ALA B 61 23.88 16.61 -20.80
CA ALA B 61 22.71 17.49 -20.87
C ALA B 61 22.49 18.20 -19.55
N GLN B 62 22.59 17.49 -18.43
CA GLN B 62 22.45 18.14 -17.13
C GLN B 62 23.54 19.19 -16.90
N LEU B 63 24.71 19.03 -17.53
CA LEU B 63 25.80 19.99 -17.43
C LEU B 63 25.71 21.08 -18.49
N GLY B 64 24.63 21.12 -19.25
CA GLY B 64 24.50 22.16 -20.25
C GLY B 64 25.30 21.98 -21.52
N LYS B 65 25.83 20.79 -21.78
CA LYS B 65 26.63 20.53 -22.98
C LYS B 65 25.79 19.73 -23.97
N TYR B 66 24.88 20.43 -24.66
CA TYR B 66 23.83 19.75 -25.42
C TYR B 66 24.35 19.14 -26.70
N ASP B 67 25.34 19.76 -27.34
CA ASP B 67 25.94 19.15 -28.53
C ASP B 67 26.56 17.79 -28.19
N GLU B 68 27.42 17.76 -27.18
CA GLU B 68 28.00 16.49 -26.73
C GLU B 68 26.91 15.52 -26.27
N ALA B 69 25.86 16.03 -25.62
CA ALA B 69 24.76 15.16 -25.22
C ALA B 69 24.17 14.44 -26.43
N VAL B 70 23.82 15.21 -27.47
CA VAL B 70 23.20 14.60 -28.64
C VAL B 70 24.09 13.51 -29.24
N LYS B 71 25.39 13.79 -29.41
CA LYS B 71 26.31 12.78 -29.96
C LYS B 71 26.38 11.56 -29.06
N MET B 72 26.38 11.78 -27.75
CA MET B 72 26.52 10.61 -26.90
C MET B 72 25.22 9.81 -26.84
N LEU B 73 24.07 10.48 -26.71
CA LEU B 73 22.79 9.77 -26.66
C LEU B 73 22.55 8.96 -27.94
N ASP B 74 23.01 9.45 -29.09
CA ASP B 74 22.86 8.68 -30.32
C ASP B 74 23.61 7.36 -30.27
N GLY B 75 24.71 7.29 -29.52
CA GLY B 75 25.47 6.06 -29.41
C GLY B 75 24.77 4.95 -28.67
N PHE B 76 23.75 5.28 -27.87
CA PHE B 76 23.05 4.22 -27.16
C PHE B 76 22.18 3.44 -28.15
N ASN B 77 22.20 2.12 -28.03
CA ASN B 77 21.42 1.22 -28.86
C ASN B 77 20.56 0.37 -27.95
N GLY B 78 19.25 0.47 -28.08
CA GLY B 78 18.37 -0.36 -27.28
C GLY B 78 16.97 -0.35 -27.85
N GLY B 79 16.20 -1.35 -27.48
CA GLY B 79 14.82 -1.43 -27.98
C GLY B 79 13.80 -1.83 -26.92
N ASP B 80 14.09 -1.57 -25.65
CA ASP B 80 13.12 -1.89 -24.60
C ASP B 80 11.96 -0.87 -24.62
N GLN B 81 11.01 -1.04 -23.70
CA GLN B 81 9.82 -0.19 -23.64
C GLN B 81 10.09 1.17 -23.01
N MET B 82 11.05 1.26 -22.09
CA MET B 82 11.21 2.40 -21.19
C MET B 82 12.48 3.20 -21.46
N VAL B 83 13.66 2.57 -21.36
CA VAL B 83 14.90 3.32 -21.38
C VAL B 83 15.17 3.89 -22.78
N ALA B 84 15.07 3.04 -23.82
CA ALA B 84 15.39 3.50 -25.18
C ALA B 84 14.51 4.65 -25.63
N PRO B 85 13.16 4.60 -25.49
CA PRO B 85 12.37 5.80 -25.85
C PRO B 85 12.72 7.01 -24.99
N ALA B 86 12.99 6.83 -23.70
CA ALA B 86 13.37 7.98 -22.89
C ALA B 86 14.69 8.59 -23.37
N ILE B 87 15.62 7.74 -23.81
CA ILE B 87 16.88 8.27 -24.31
C ILE B 87 16.66 9.03 -25.62
N LEU B 88 15.80 8.48 -26.49
CA LEU B 88 15.44 9.23 -27.70
C LEU B 88 14.71 10.51 -27.35
N GLY B 89 13.79 10.46 -26.37
CA GLY B 89 13.14 11.69 -25.94
C GLY B 89 14.10 12.71 -25.39
N ALA B 90 15.09 12.25 -24.60
CA ALA B 90 16.12 13.17 -24.11
C ALA B 90 16.87 13.83 -25.27
N THR B 91 17.12 13.07 -26.35
CA THR B 91 17.80 13.64 -27.52
C THR B 91 16.96 14.76 -28.13
N GLY B 92 15.66 14.53 -28.26
CA GLY B 92 14.79 15.58 -28.79
C GLY B 92 14.78 16.82 -27.93
N ASN B 93 14.81 16.64 -26.60
CA ASN B 93 14.86 17.78 -25.71
C ASN B 93 16.19 18.53 -25.82
N CYS B 94 17.31 17.83 -26.08
CA CYS B 94 18.56 18.54 -26.35
C CYS B 94 18.51 19.29 -27.67
N TYR B 95 17.88 18.72 -28.70
CA TYR B 95 17.69 19.49 -29.94
C TYR B 95 16.93 20.76 -29.67
N ALA B 96 15.90 20.70 -28.82
CA ALA B 96 15.15 21.91 -28.49
C ALA B 96 16.05 22.94 -27.80
N GLN B 97 16.95 22.48 -26.91
CA GLN B 97 17.88 23.39 -26.24
C GLN B 97 18.80 24.10 -27.23
N LEU B 98 19.12 23.47 -28.36
CA LEU B 98 19.96 24.04 -29.42
C LEU B 98 19.16 24.82 -30.46
N GLY B 99 17.85 24.98 -30.28
CA GLY B 99 17.05 25.69 -31.27
C GLY B 99 16.71 24.92 -32.52
N GLN B 100 16.99 23.61 -32.59
CA GLN B 100 16.60 22.83 -33.77
C GLN B 100 15.19 22.27 -33.59
N LEU B 101 14.20 23.15 -33.76
CA LEU B 101 12.87 22.82 -33.28
C LEU B 101 12.21 21.73 -34.14
N ASP B 102 12.41 21.78 -35.47
CA ASP B 102 11.85 20.75 -36.34
C ASP B 102 12.35 19.37 -35.95
N LYS B 103 13.66 19.26 -35.73
CA LYS B 103 14.27 17.99 -35.35
C LYS B 103 13.82 17.56 -33.95
N ALA B 104 13.62 18.53 -33.05
CA ALA B 104 13.15 18.22 -31.71
C ALA B 104 11.76 17.59 -31.75
N ALA B 105 10.85 18.20 -32.52
CA ALA B 105 9.47 17.71 -32.57
C ALA B 105 9.36 16.33 -33.17
N SER B 106 10.09 16.07 -34.28
CA SER B 106 9.99 14.75 -34.90
C SER B 106 10.65 13.67 -34.04
N THR B 107 11.74 14.01 -33.37
CA THR B 107 12.37 13.07 -32.44
C THR B 107 11.42 12.71 -31.30
N LEU B 108 10.76 13.72 -30.72
CA LEU B 108 9.86 13.47 -29.59
C LEU B 108 8.67 12.63 -30.02
N LEU B 109 8.10 12.93 -31.20
CA LEU B 109 7.00 12.12 -31.71
C LEU B 109 7.46 10.68 -31.96
N SER B 110 8.68 10.52 -32.44
CA SER B 110 9.25 9.19 -32.60
C SER B 110 9.41 8.49 -31.27
N ALA B 111 9.95 9.18 -30.26
CA ALA B 111 10.05 8.58 -28.93
C ALA B 111 8.69 8.14 -28.40
N ALA B 112 7.67 8.95 -28.63
CA ALA B 112 6.32 8.58 -28.18
C ALA B 112 5.82 7.33 -28.89
N ASP B 113 6.08 7.21 -30.21
CA ASP B 113 5.66 6.01 -30.92
C ASP B 113 6.46 4.78 -30.49
N LYS B 114 7.75 4.95 -30.22
CA LYS B 114 8.53 3.81 -29.76
C LYS B 114 8.10 3.36 -28.36
N ALA B 115 7.77 4.30 -27.47
CA ALA B 115 7.38 3.94 -26.11
C ALA B 115 6.01 3.27 -26.10
N ASP B 116 5.05 3.91 -26.78
CA ASP B 116 3.65 3.46 -26.90
C ASP B 116 3.06 3.03 -25.55
N ASN B 117 3.21 3.87 -24.54
CA ASN B 117 2.64 3.52 -23.24
C ASN B 117 2.22 4.79 -22.50
N ASN B 118 1.45 4.58 -21.43
CA ASN B 118 0.86 5.67 -20.67
C ASN B 118 1.90 6.45 -19.85
N SER B 119 3.00 5.82 -19.46
CA SER B 119 3.98 6.53 -18.62
C SER B 119 4.86 7.48 -19.41
N LEU B 120 5.24 7.12 -20.64
CA LEU B 120 6.18 7.92 -21.40
C LEU B 120 5.60 8.61 -22.63
N SER B 121 4.78 7.93 -23.42
CA SER B 121 4.28 8.57 -24.63
C SER B 121 3.64 9.93 -24.38
N PRO B 122 2.79 10.12 -23.36
CA PRO B 122 2.17 11.46 -23.18
C PRO B 122 3.18 12.55 -22.82
N ILE B 123 4.26 12.21 -22.12
CA ILE B 123 5.28 13.22 -21.81
C ILE B 123 5.85 13.78 -23.10
N PHE B 124 6.24 12.88 -24.02
CA PHE B 124 6.86 13.32 -25.27
C PHE B 124 5.84 13.97 -26.20
N LEU B 125 4.59 13.50 -26.19
CA LEU B 125 3.56 14.11 -27.03
C LEU B 125 3.28 15.53 -26.59
N MET B 126 3.22 15.78 -25.27
CA MET B 126 3.04 17.15 -24.78
C MET B 126 4.20 18.04 -25.22
N GLN B 127 5.42 17.55 -25.05
CA GLN B 127 6.57 18.37 -25.42
C GLN B 127 6.58 18.65 -26.92
N ALA B 128 6.24 17.64 -27.73
CA ALA B 128 6.14 17.87 -29.17
C ALA B 128 5.03 18.87 -29.48
N GLY B 129 3.87 18.71 -28.83
CA GLY B 129 2.77 19.63 -29.06
C GLY B 129 3.11 21.08 -28.76
N GLU B 130 3.84 21.32 -27.65
CA GLU B 130 4.23 22.69 -27.30
C GLU B 130 5.21 23.26 -28.31
N ILE B 131 6.15 22.46 -28.79
CA ILE B 131 7.08 22.94 -29.80
C ILE B 131 6.33 23.22 -31.10
N LEU B 132 5.40 22.33 -31.48
CA LEU B 132 4.67 22.57 -32.71
C LEU B 132 3.82 23.82 -32.63
N VAL B 133 3.30 24.16 -31.44
CA VAL B 133 2.53 25.40 -31.29
C VAL B 133 3.45 26.61 -31.45
N LYS B 134 4.63 26.58 -30.82
CA LYS B 134 5.59 27.67 -30.97
C LYS B 134 5.97 27.92 -32.42
N GLN B 135 6.02 26.86 -33.23
CA GLN B 135 6.28 26.98 -34.66
C GLN B 135 5.06 27.41 -35.47
N GLY B 136 3.90 27.64 -34.84
CA GLY B 136 2.72 27.97 -35.60
C GLY B 136 2.07 26.81 -36.33
N LYS B 137 2.45 25.57 -36.00
CA LYS B 137 1.93 24.39 -36.68
C LYS B 137 0.77 23.82 -35.89
N TYR B 138 -0.34 24.55 -35.93
CA TYR B 138 -1.42 24.30 -34.98
C TYR B 138 -2.11 22.96 -35.24
N ASP B 139 -2.35 22.62 -36.52
CA ASP B 139 -2.99 21.33 -36.78
C ASP B 139 -2.12 20.16 -36.32
N ASP B 140 -0.80 20.25 -36.49
CA ASP B 140 0.07 19.17 -36.02
C ASP B 140 0.05 19.08 -34.49
N ALA B 141 0.02 20.23 -33.82
CA ALA B 141 -0.13 20.22 -32.36
C ALA B 141 -1.43 19.53 -31.95
N VAL B 142 -2.53 19.88 -32.60
CA VAL B 142 -3.82 19.28 -32.27
C VAL B 142 -3.76 17.76 -32.45
N ASN B 143 -3.02 17.29 -33.46
CA ASN B 143 -2.89 15.85 -33.69
C ASN B 143 -2.05 15.19 -32.61
N ALA B 144 -0.93 15.81 -32.21
CA ALA B 144 -0.15 15.28 -31.08
C ALA B 144 -1.00 15.22 -29.81
N TYR B 145 -1.70 16.30 -29.49
CA TYR B 145 -2.49 16.33 -28.25
C TYR B 145 -3.67 15.36 -28.33
N THR B 146 -4.29 15.26 -29.50
CA THR B 146 -5.43 14.35 -29.63
C THR B 146 -5.00 12.89 -29.43
N LYS B 147 -3.77 12.56 -29.83
CA LYS B 147 -3.24 11.23 -29.58
C LYS B 147 -3.20 10.91 -28.09
N ILE B 148 -2.90 11.90 -27.25
CA ILE B 148 -2.96 11.69 -25.81
C ILE B 148 -4.39 11.40 -25.38
N LYS B 149 -5.33 12.21 -25.87
CA LYS B 149 -6.74 12.03 -25.56
C LYS B 149 -7.27 10.68 -26.05
N ASP B 150 -6.92 10.29 -27.29
CA ASP B 150 -7.47 9.07 -27.89
C ASP B 150 -6.78 7.81 -27.39
N LYS B 151 -5.46 7.72 -27.56
CA LYS B 151 -4.72 6.50 -27.22
C LYS B 151 -4.23 6.44 -25.79
N TYR B 152 -3.95 7.57 -25.13
CA TYR B 152 -3.39 7.49 -23.79
C TYR B 152 -4.34 8.12 -22.76
N PHE B 153 -5.59 7.68 -22.79
CA PHE B 153 -6.67 8.24 -21.98
C PHE B 153 -6.54 7.93 -20.49
N GLN B 154 -5.77 6.90 -20.11
CA GLN B 154 -5.57 6.59 -18.68
C GLN B 154 -4.42 7.36 -18.06
N SER B 155 -3.68 8.14 -18.86
CA SER B 155 -2.51 8.88 -18.37
C SER B 155 -2.95 10.11 -17.58
N TYR B 156 -2.04 10.61 -16.72
CA TYR B 156 -2.33 11.84 -15.96
C TYR B 156 -2.56 13.02 -16.90
N GLN B 157 -1.80 13.07 -18.01
CA GLN B 157 -1.92 14.17 -18.95
C GLN B 157 -3.29 14.20 -19.63
N ALA B 158 -3.94 13.04 -19.80
CA ALA B 158 -5.26 13.00 -20.43
C ALA B 158 -6.31 13.70 -19.58
N MET B 159 -6.11 13.77 -18.26
CA MET B 159 -7.03 14.50 -17.41
C MET B 159 -7.11 15.97 -17.82
N ASP B 160 -5.98 16.54 -18.24
CA ASP B 160 -5.84 17.98 -18.47
C ASP B 160 -5.77 18.38 -19.93
N ILE B 161 -5.90 17.43 -20.87
CA ILE B 161 -5.47 17.64 -22.25
C ILE B 161 -6.39 18.59 -23.03
N ASP B 162 -7.65 18.75 -22.61
CA ASP B 162 -8.60 19.47 -23.47
C ASP B 162 -8.27 20.95 -23.58
N LYS B 163 -7.71 21.54 -22.52
CA LYS B 163 -7.35 22.95 -22.61
C LYS B 163 -6.24 23.19 -23.62
N TYR B 164 -5.37 22.20 -23.85
CA TYR B 164 -4.32 22.37 -24.85
C TYR B 164 -4.87 22.23 -26.25
N ILE B 165 -5.78 21.28 -26.46
CA ILE B 165 -6.42 21.14 -27.77
C ILE B 165 -7.18 22.42 -28.11
N GLU B 166 -7.96 22.91 -27.15
CA GLU B 166 -8.79 24.09 -27.41
C GLU B 166 -7.94 25.32 -27.69
N GLN B 167 -6.86 25.52 -26.91
CA GLN B 167 -5.99 26.65 -27.20
C GLN B 167 -5.39 26.57 -28.60
N ALA B 168 -4.96 25.38 -29.03
CA ALA B 168 -4.35 25.28 -30.36
C ALA B 168 -5.39 25.49 -31.45
N LYS B 169 -6.60 24.95 -31.29
CA LYS B 169 -7.70 25.23 -32.23
C LYS B 169 -7.99 26.74 -32.32
N LEU B 170 -8.07 27.41 -31.18
CA LEU B 170 -8.36 28.84 -31.17
C LEU B 170 -7.26 29.67 -31.81
N MET B 171 -6.03 29.17 -31.88
CA MET B 171 -5.00 29.98 -32.53
C MET B 171 -4.99 29.83 -34.06
N LYS B 172 -5.73 28.87 -34.61
CA LYS B 172 -5.87 28.81 -36.07
C LYS B 172 -6.47 30.10 -36.61
N LYS B 173 -7.57 30.55 -36.00
CA LYS B 173 -8.12 31.90 -36.20
C LYS B 173 -8.50 32.16 -37.66
C1 PEG C . -8.13 -6.26 -10.43
O1 PEG C . -8.51 -5.12 -9.69
C2 PEG C . -7.05 -7.01 -9.73
O2 PEG C . -6.30 -7.75 -10.68
C3 PEG C . -4.92 -7.83 -10.37
C4 PEG C . -4.18 -6.67 -10.96
O4 PEG C . -2.81 -6.69 -10.61
#